data_6F1W
#
_entry.id   6F1W
#
_cell.length_a   51.549
_cell.length_b   105.872
_cell.length_c   71.687
_cell.angle_alpha   90.00
_cell.angle_beta   108.93
_cell.angle_gamma   90.00
#
_symmetry.space_group_name_H-M   'P 1 21 1'
#
loop_
_entity.id
_entity.type
_entity.pdbx_description
1 polymer 'Casein kinase I isoform delta'
2 polymer 'Casein kinase I isoform delta'
3 non-polymer 'SULFATE ION'
4 non-polymer (9~{R},10~{R},11~{S})-~{N}-[4-[3-(4-fluorophenyl)-5-propan-2-yl-1,2-oxazol-4-yl]pyridin-2-yl]-4-(4-methoxyphenyl)-10,11-bis(oxidanyl)-1,7-diazatricyclo[7.3.0.0^{3,7}]dodeca-3,5-diene-6-carboxamide
5 water water
#
loop_
_entity_poly.entity_id
_entity_poly.type
_entity_poly.pdbx_seq_one_letter_code
_entity_poly.pdbx_strand_id
1 'polypeptide(L)'
;MGSSHHHHHHSSGLVPRGSHMELRVGNRYRLGRKIGSGSFGDIYLGTDIAAGEEVAIKLECVKTKHPQLHIESKIYKMMQ
GGVGIPTIRWCGAEGDYNVMVMELLGPSLEDLFNFCSRKFSLKTVLLLADQMISRIEYIHSKNFIHRDVKPDNFLMGLGK
KGNLVYIIDFGLAKKYRDARTHQHIPYRENKNLTGTARYASINTHLGIEQSRRDDLESLGYVLMYFNLGSLPWQGLKAA
(TPO)KRQKYERISEKKMSTPIEVLCKGYPSEFATYLNFCRSLRFDDKPDYSYLRQLFRNLFHRQGFSYDYVFDWNMLK
;
A
2 'polypeptide(L)'
;MGSSHHHHHHSSGLVPRGSHMELRVGNRYRLGRKIGSGSFGDIYLGTDIAAGEEVAIKLECVKTKHPQLHIESKIYKMMQ
GGVGIPTIRWCGAEGDYNVMVMELLGPSLEDLFNFCSRKFSLKTVLLLADQMISRIEYIHSKNFIHRDVKPDNFLMGLGK
KGNLVYIIDFGLAKKYRDARTHQHIPYRENKNLTGTARYASINTHLGIEQSRRDDLESLGYVLMYFNLGSLPWQGLKAAT
KRQKYERISEKKMSTPIEVLCKGYPSEFATYLNFCRSLRFDDKPDYSYLRQLFRNLFHRQGFSYDYVFDWNMLK
;
B
#
loop_
_chem_comp.id
_chem_comp.type
_chem_comp.name
_chem_comp.formula
CG5 non-polymer (9~{R},10~{R},11~{S})-~{N}-[4-[3-(4-fluorophenyl)-5-propan-2-yl-1,2-oxazol-4-yl]pyridin-2-yl]-4-(4-methoxyphenyl)-10,11-bis(oxidanyl)-1,7-diazatricyclo[7.3.0.0^{3,7}]dodeca-3,5-diene-6-carboxamide 'C35 H34 F N5 O5'
SO4 non-polymer 'SULFATE ION' 'O4 S -2'
#
# COMPACT_ATOMS: atom_id res chain seq x y z
N LEU A 23 11.37 19.85 1.53
CA LEU A 23 11.19 20.11 0.11
C LEU A 23 9.71 20.23 -0.22
N ARG A 24 9.31 21.38 -0.76
CA ARG A 24 7.91 21.70 -0.99
C ARG A 24 7.60 21.85 -2.47
N VAL A 25 6.34 21.59 -2.82
CA VAL A 25 5.82 21.79 -4.16
C VAL A 25 4.65 22.77 -4.06
N GLY A 26 4.67 23.81 -4.89
CA GLY A 26 3.61 24.80 -4.88
C GLY A 26 3.46 25.55 -3.58
N ASN A 27 4.54 25.65 -2.79
CA ASN A 27 4.53 26.32 -1.50
C ASN A 27 3.58 25.68 -0.51
N ARG A 28 3.07 24.47 -0.78
CA ARG A 28 1.99 23.95 0.03
C ARG A 28 2.00 22.43 0.19
N TYR A 29 2.72 21.72 -0.67
CA TYR A 29 2.80 20.26 -0.61
C TYR A 29 4.21 19.82 -0.22
N ARG A 30 4.31 19.02 0.84
CA ARG A 30 5.57 18.45 1.27
C ARG A 30 5.82 17.14 0.53
N LEU A 31 7.00 17.03 -0.08
CA LEU A 31 7.34 15.85 -0.87
C LEU A 31 7.82 14.71 0.03
N GLY A 32 7.28 13.52 -0.18
CA GLY A 32 7.65 12.35 0.58
C GLY A 32 8.46 11.36 -0.23
N ARG A 33 8.41 10.10 0.19
CA ARG A 33 9.20 9.07 -0.48
C ARG A 33 8.57 8.70 -1.82
N LYS A 34 9.41 8.23 -2.74
CA LYS A 34 8.92 7.75 -4.02
C LYS A 34 8.05 6.52 -3.82
N ILE A 35 7.01 6.39 -4.65
CA ILE A 35 6.05 5.30 -4.49
C ILE A 35 5.77 4.63 -5.84
N GLY A 36 6.52 4.99 -6.87
CA GLY A 36 6.33 4.37 -8.16
C GLY A 36 6.85 5.25 -9.29
N SER A 37 6.42 4.89 -10.50
CA SER A 37 6.79 5.63 -11.70
C SER A 37 5.72 5.36 -12.76
N GLY A 38 5.32 6.42 -13.46
CA GLY A 38 4.31 6.31 -14.50
C GLY A 38 4.29 7.49 -15.44
N GLY A 41 7.98 11.07 -14.66
CA GLY A 41 8.12 9.63 -14.65
C GLY A 41 8.48 9.07 -13.29
N ASP A 42 8.29 9.88 -12.25
CA ASP A 42 8.51 9.44 -10.87
C ASP A 42 7.36 9.94 -10.02
N ILE A 43 6.77 9.04 -9.24
CA ILE A 43 5.59 9.32 -8.43
C ILE A 43 6.03 9.34 -6.97
N TYR A 44 5.64 10.40 -6.26
CA TYR A 44 6.00 10.59 -4.86
C TYR A 44 4.76 10.71 -4.00
N LEU A 45 4.83 10.12 -2.81
CA LEU A 45 3.86 10.44 -1.78
C LEU A 45 4.09 11.86 -1.30
N GLY A 46 3.00 12.58 -1.02
CA GLY A 46 3.09 13.94 -0.55
C GLY A 46 2.05 14.21 0.50
N THR A 47 2.22 15.34 1.17
CA THR A 47 1.31 15.78 2.23
C THR A 47 0.84 17.20 1.92
N ASP A 48 -0.47 17.38 1.86
CA ASP A 48 -1.08 18.70 1.78
C ASP A 48 -1.00 19.31 3.18
N ILE A 49 -0.05 20.22 3.38
CA ILE A 49 0.24 20.72 4.72
C ILE A 49 -0.98 21.42 5.31
N ALA A 50 -1.68 22.22 4.50
CA ALA A 50 -2.82 22.98 5.00
C ALA A 50 -3.97 22.07 5.37
N ALA A 51 -4.34 21.16 4.47
CA ALA A 51 -5.50 20.30 4.69
C ALA A 51 -5.16 19.06 5.50
N GLY A 52 -3.89 18.68 5.58
CA GLY A 52 -3.46 17.61 6.46
C GLY A 52 -3.60 16.21 5.91
N GLU A 53 -3.99 16.04 4.65
CA GLU A 53 -4.09 14.71 4.07
C GLU A 53 -3.01 14.49 3.01
N GLU A 54 -2.77 13.22 2.70
CA GLU A 54 -1.73 12.83 1.78
C GLU A 54 -2.22 12.88 0.33
N VAL A 55 -1.27 13.06 -0.59
CA VAL A 55 -1.54 13.17 -2.02
C VAL A 55 -0.46 12.41 -2.77
N ALA A 56 -0.68 12.27 -4.09
CA ALA A 56 0.30 11.71 -5.00
C ALA A 56 0.80 12.80 -5.93
N ILE A 57 2.12 12.88 -6.10
CA ILE A 57 2.76 13.96 -6.85
C ILE A 57 3.57 13.36 -7.99
N LYS A 58 3.32 13.83 -9.20
CA LYS A 58 4.07 13.41 -10.39
C LYS A 58 4.95 14.55 -10.86
N LEU A 59 6.24 14.26 -11.05
CA LEU A 59 7.23 15.24 -11.48
C LEU A 59 7.78 14.86 -12.86
N GLU A 60 7.86 15.86 -13.74
CA GLU A 60 8.37 15.67 -15.10
C GLU A 60 9.46 16.71 -15.38
N CYS A 61 10.61 16.25 -15.85
CA CYS A 61 11.66 17.17 -16.27
C CYS A 61 11.24 17.90 -17.54
N VAL A 62 11.55 19.19 -17.60
CA VAL A 62 11.19 20.01 -18.75
C VAL A 62 12.03 19.62 -19.95
N LYS A 63 11.51 18.71 -20.78
CA LYS A 63 12.23 18.29 -21.98
C LYS A 63 11.72 19.06 -23.19
N PRO A 67 7.48 16.82 -23.65
CA PRO A 67 6.58 17.19 -22.55
C PRO A 67 5.15 16.73 -22.79
N GLN A 68 4.52 16.15 -21.77
CA GLN A 68 3.15 15.67 -21.89
C GLN A 68 2.33 15.87 -20.61
N LEU A 69 2.92 16.42 -19.55
CA LEU A 69 2.19 16.54 -18.29
C LEU A 69 1.10 17.60 -18.38
N HIS A 70 1.40 18.75 -18.99
CA HIS A 70 0.40 19.80 -19.09
C HIS A 70 -0.73 19.41 -20.03
N ILE A 71 -0.40 18.78 -21.15
CA ILE A 71 -1.44 18.27 -22.04
C ILE A 71 -2.31 17.25 -21.32
N GLU A 72 -1.68 16.36 -20.54
CA GLU A 72 -2.43 15.36 -19.82
C GLU A 72 -3.33 15.99 -18.75
N SER A 73 -2.84 17.05 -18.08
CA SER A 73 -3.65 17.66 -17.04
C SER A 73 -4.96 18.19 -17.60
N LYS A 74 -4.94 18.70 -18.83
CA LYS A 74 -6.16 19.21 -19.44
C LYS A 74 -7.17 18.10 -19.70
N ILE A 75 -6.68 16.90 -20.06
CA ILE A 75 -7.58 15.78 -20.27
C ILE A 75 -8.20 15.33 -18.94
N TYR A 76 -7.36 15.16 -17.91
CA TYR A 76 -7.89 14.88 -16.58
C TYR A 76 -9.00 15.86 -16.22
N LYS A 77 -8.74 17.15 -16.42
CA LYS A 77 -9.71 18.16 -16.01
C LYS A 77 -10.95 18.12 -16.88
N MET A 78 -10.83 17.74 -18.15
CA MET A 78 -12.01 17.49 -18.97
C MET A 78 -12.81 16.30 -18.46
N MET A 79 -12.15 15.31 -17.87
CA MET A 79 -12.82 14.10 -17.40
C MET A 79 -13.38 14.21 -15.99
N GLN A 80 -13.09 15.30 -15.27
CA GLN A 80 -13.44 15.37 -13.85
C GLN A 80 -14.92 15.13 -13.63
N GLY A 81 -15.24 14.54 -12.47
CA GLY A 81 -16.60 14.24 -12.10
C GLY A 81 -17.05 12.83 -12.44
N GLY A 82 -16.43 12.19 -13.41
CA GLY A 82 -16.80 10.83 -13.75
C GLY A 82 -16.46 9.86 -12.64
N VAL A 83 -17.26 8.78 -12.57
CA VAL A 83 -16.99 7.74 -11.59
C VAL A 83 -15.63 7.13 -11.88
N GLY A 84 -14.79 7.06 -10.86
CA GLY A 84 -13.48 6.45 -11.01
C GLY A 84 -12.47 7.29 -11.74
N ILE A 85 -12.71 8.59 -11.90
CA ILE A 85 -11.75 9.52 -12.47
C ILE A 85 -11.09 10.26 -11.32
N PRO A 86 -9.77 10.21 -11.17
CA PRO A 86 -9.13 10.90 -10.03
C PRO A 86 -9.19 12.41 -10.16
N THR A 87 -9.17 13.07 -9.00
CA THR A 87 -9.20 14.51 -8.93
C THR A 87 -7.78 15.07 -8.94
N ILE A 88 -7.57 16.11 -9.74
CA ILE A 88 -6.29 16.80 -9.79
C ILE A 88 -6.34 17.99 -8.83
N ARG A 89 -5.37 18.05 -7.92
N ARG A 89 -5.37 18.05 -7.92
CA ARG A 89 -5.37 19.08 -6.89
CA ARG A 89 -5.37 19.08 -6.89
C ARG A 89 -4.57 20.31 -7.28
C ARG A 89 -4.57 20.31 -7.28
N TRP A 90 -3.51 20.16 -8.08
CA TRP A 90 -2.67 21.30 -8.42
C TRP A 90 -1.76 20.92 -9.58
N CYS A 91 -1.49 21.91 -10.44
CA CYS A 91 -0.54 21.80 -11.54
C CYS A 91 0.35 23.02 -11.55
N GLY A 92 1.61 22.84 -11.88
CA GLY A 92 2.53 23.96 -11.93
C GLY A 92 3.95 23.49 -12.21
N ALA A 93 4.88 24.44 -12.10
CA ALA A 93 6.30 24.19 -12.30
C ALA A 93 7.06 24.43 -11.00
N GLU A 94 8.05 23.59 -10.73
CA GLU A 94 8.88 23.70 -9.54
C GLU A 94 10.33 23.40 -9.93
N GLY A 95 11.15 24.43 -9.99
CA GLY A 95 12.54 24.25 -10.38
C GLY A 95 12.66 23.60 -11.75
N ASP A 96 13.29 22.44 -11.79
CA ASP A 96 13.54 21.71 -13.03
C ASP A 96 12.43 20.71 -13.34
N TYR A 97 11.23 20.89 -12.78
CA TYR A 97 10.18 19.90 -12.92
C TYR A 97 8.84 20.58 -13.21
N ASN A 98 8.04 19.93 -14.05
CA ASN A 98 6.62 20.19 -14.13
C ASN A 98 5.93 19.27 -13.14
N VAL A 99 4.92 19.79 -12.44
CA VAL A 99 4.33 19.09 -11.30
C VAL A 99 2.83 18.96 -11.49
N MET A 100 2.30 17.80 -11.11
CA MET A 100 0.87 17.57 -11.01
C MET A 100 0.61 16.86 -9.68
N VAL A 101 -0.39 17.32 -8.94
CA VAL A 101 -0.77 16.74 -7.67
C VAL A 101 -2.16 16.14 -7.81
N MET A 102 -2.28 14.87 -7.42
CA MET A 102 -3.52 14.11 -7.56
C MET A 102 -3.93 13.58 -6.18
N GLU A 103 -5.23 13.39 -5.99
CA GLU A 103 -5.69 12.72 -4.78
C GLU A 103 -5.01 11.36 -4.66
N LEU A 104 -4.73 10.95 -3.42
CA LEU A 104 -4.02 9.69 -3.22
C LEU A 104 -4.93 8.51 -3.54
N LEU A 105 -4.46 7.62 -4.41
CA LEU A 105 -5.12 6.37 -4.73
C LEU A 105 -4.27 5.22 -4.20
N GLY A 106 -4.75 4.00 -4.41
CA GLY A 106 -4.09 2.83 -3.88
C GLY A 106 -3.21 2.12 -4.89
N PRO A 107 -2.88 0.86 -4.61
CA PRO A 107 -2.05 0.08 -5.54
C PRO A 107 -2.79 -0.15 -6.86
N SER A 108 -2.01 -0.36 -7.92
CA SER A 108 -2.57 -0.68 -9.22
C SER A 108 -3.06 -2.14 -9.23
N LEU A 109 -3.82 -2.48 -10.27
CA LEU A 109 -4.28 -3.87 -10.39
C LEU A 109 -3.11 -4.81 -10.68
N GLU A 110 -2.04 -4.31 -11.30
CA GLU A 110 -0.83 -5.12 -11.44
C GLU A 110 -0.19 -5.39 -10.09
N ASP A 111 -0.08 -4.35 -9.25
CA ASP A 111 0.44 -4.53 -7.90
C ASP A 111 -0.37 -5.58 -7.15
N LEU A 112 -1.69 -5.49 -7.23
CA LEU A 112 -2.57 -6.39 -6.48
C LEU A 112 -2.53 -7.80 -7.08
N PHE A 113 -2.42 -7.90 -8.40
CA PHE A 113 -2.24 -9.20 -9.03
C PHE A 113 -1.00 -9.90 -8.51
N ASN A 114 0.11 -9.16 -8.41
CA ASN A 114 1.34 -9.75 -7.87
C ASN A 114 1.19 -10.11 -6.39
N PHE A 115 0.51 -9.25 -5.62
CA PHE A 115 0.28 -9.57 -4.21
C PHE A 115 -0.55 -10.84 -4.05
N CYS A 116 -1.47 -11.10 -4.97
CA CYS A 116 -2.27 -12.31 -4.97
C CYS A 116 -1.59 -13.46 -5.70
N SER A 117 -0.26 -13.40 -5.83
CA SER A 117 0.52 -14.47 -6.46
C SER A 117 0.07 -14.71 -7.89
N ARG A 118 -0.34 -13.64 -8.56
CA ARG A 118 -0.71 -13.67 -9.98
C ARG A 118 -1.84 -14.65 -10.22
N LYS A 119 -2.81 -14.67 -9.30
CA LYS A 119 -4.03 -15.47 -9.44
C LYS A 119 -5.18 -14.65 -8.86
N PHE A 120 -6.18 -14.37 -9.70
CA PHE A 120 -7.44 -13.79 -9.26
C PHE A 120 -8.55 -14.82 -9.41
N SER A 121 -9.44 -14.87 -8.42
CA SER A 121 -10.63 -15.70 -8.56
C SER A 121 -11.50 -15.18 -9.69
N LEU A 122 -12.35 -16.06 -10.22
CA LEU A 122 -13.28 -15.64 -11.28
C LEU A 122 -14.16 -14.51 -10.78
N LYS A 123 -14.60 -14.57 -9.53
CA LYS A 123 -15.43 -13.51 -8.96
C LYS A 123 -14.73 -12.15 -9.08
N THR A 124 -13.47 -12.08 -8.64
CA THR A 124 -12.74 -10.82 -8.69
C THR A 124 -12.59 -10.34 -10.14
N VAL A 125 -12.26 -11.25 -11.06
CA VAL A 125 -12.12 -10.86 -12.46
C VAL A 125 -13.43 -10.28 -12.98
N LEU A 126 -14.56 -10.90 -12.64
CA LEU A 126 -15.84 -10.42 -13.12
C LEU A 126 -16.21 -9.08 -12.48
N LEU A 127 -15.91 -8.93 -11.18
CA LEU A 127 -16.12 -7.64 -10.53
C LEU A 127 -15.28 -6.55 -11.18
N LEU A 128 -14.02 -6.85 -11.48
CA LEU A 128 -13.16 -5.86 -12.11
C LEU A 128 -13.65 -5.53 -13.52
N ALA A 129 -14.06 -6.55 -14.27
CA ALA A 129 -14.47 -6.33 -15.66
C ALA A 129 -15.62 -5.33 -15.74
N ASP A 130 -16.60 -5.45 -14.85
CA ASP A 130 -17.74 -4.55 -14.88
C ASP A 130 -17.30 -3.10 -14.75
N GLN A 131 -16.46 -2.79 -13.77
CA GLN A 131 -16.03 -1.41 -13.56
C GLN A 131 -15.12 -0.94 -14.67
N MET A 132 -14.22 -1.80 -15.16
CA MET A 132 -13.26 -1.38 -16.17
C MET A 132 -13.95 -1.06 -17.50
N ILE A 133 -14.98 -1.83 -17.87
CA ILE A 133 -15.76 -1.49 -19.05
C ILE A 133 -16.39 -0.13 -18.89
N SER A 134 -16.92 0.17 -17.69
CA SER A 134 -17.59 1.44 -17.45
C SER A 134 -16.61 2.61 -17.50
N ARG A 135 -15.40 2.43 -16.97
CA ARG A 135 -14.41 3.50 -17.06
C ARG A 135 -14.09 3.83 -18.52
N ILE A 136 -13.90 2.80 -19.34
CA ILE A 136 -13.59 3.02 -20.76
C ILE A 136 -14.78 3.67 -21.46
N GLU A 137 -16.00 3.22 -21.16
CA GLU A 137 -17.17 3.83 -21.75
C GLU A 137 -17.24 5.32 -21.42
N TYR A 138 -16.98 5.68 -20.17
CA TYR A 138 -17.03 7.09 -19.77
C TYR A 138 -16.04 7.90 -20.58
N ILE A 139 -14.80 7.42 -20.69
CA ILE A 139 -13.81 8.14 -21.50
C ILE A 139 -14.31 8.32 -22.92
N HIS A 140 -14.88 7.26 -23.51
CA HIS A 140 -15.40 7.37 -24.87
C HIS A 140 -16.54 8.37 -24.94
N SER A 141 -17.39 8.41 -23.90
CA SER A 141 -18.47 9.39 -23.88
C SER A 141 -17.95 10.81 -23.81
N LYS A 142 -16.73 11.02 -23.31
CA LYS A 142 -16.09 12.32 -23.31
C LYS A 142 -15.21 12.54 -24.53
N ASN A 143 -15.39 11.75 -25.59
CA ASN A 143 -14.83 11.98 -26.92
C ASN A 143 -13.37 11.57 -27.04
N PHE A 144 -12.83 10.80 -26.10
CA PHE A 144 -11.43 10.36 -26.14
C PHE A 144 -11.35 8.84 -26.14
N ILE A 145 -10.24 8.35 -26.68
CA ILE A 145 -9.84 6.96 -26.52
C ILE A 145 -8.57 6.93 -25.69
N HIS A 146 -8.44 5.91 -24.85
CA HIS A 146 -7.35 5.88 -23.86
C HIS A 146 -6.03 5.47 -24.51
N ARG A 147 -6.05 4.35 -25.23
CA ARG A 147 -4.94 3.85 -26.05
C ARG A 147 -3.81 3.24 -25.25
N ASP A 148 -3.95 3.06 -23.93
CA ASP A 148 -2.95 2.32 -23.16
C ASP A 148 -3.65 1.58 -22.02
N VAL A 149 -4.65 0.78 -22.36
CA VAL A 149 -5.37 0.02 -21.35
C VAL A 149 -4.51 -1.14 -20.88
N LYS A 150 -4.15 -1.14 -19.59
CA LYS A 150 -3.31 -2.16 -19.01
C LYS A 150 -3.52 -2.17 -17.51
N PRO A 151 -3.19 -3.27 -16.83
CA PRO A 151 -3.45 -3.34 -15.39
C PRO A 151 -2.78 -2.23 -14.60
N ASP A 152 -1.63 -1.76 -15.06
CA ASP A 152 -0.87 -0.73 -14.37
C ASP A 152 -1.57 0.62 -14.36
N ASN A 153 -2.59 0.81 -15.20
CA ASN A 153 -3.29 2.08 -15.30
C ASN A 153 -4.66 2.04 -14.64
N PHE A 154 -4.96 0.98 -13.88
CA PHE A 154 -6.14 0.93 -13.04
C PHE A 154 -5.70 0.82 -11.59
N LEU A 155 -6.18 1.74 -10.75
CA LEU A 155 -5.84 1.79 -9.34
C LEU A 155 -7.09 1.67 -8.49
N MET A 156 -6.99 0.91 -7.42
CA MET A 156 -8.07 0.89 -6.44
C MET A 156 -8.00 2.15 -5.59
N GLY A 157 -9.15 2.64 -5.18
CA GLY A 157 -9.19 3.68 -4.18
C GLY A 157 -8.71 3.16 -2.85
N LEU A 158 -8.46 4.09 -1.93
CA LEU A 158 -8.09 3.78 -0.57
C LEU A 158 -9.24 4.15 0.37
N GLY A 159 -9.21 3.56 1.55
CA GLY A 159 -10.17 3.92 2.58
C GLY A 159 -11.59 3.65 2.12
N LYS A 160 -12.42 4.69 2.19
CA LYS A 160 -13.83 4.56 1.84
C LYS A 160 -14.04 4.19 0.37
N LYS A 161 -13.04 4.40 -0.47
CA LYS A 161 -13.13 4.09 -1.90
C LYS A 161 -12.43 2.78 -2.26
N GLY A 162 -12.24 1.89 -1.29
CA GLY A 162 -11.50 0.66 -1.52
C GLY A 162 -12.15 -0.30 -2.49
N ASN A 163 -13.44 -0.12 -2.79
CA ASN A 163 -14.15 -0.95 -3.75
C ASN A 163 -14.29 -0.30 -5.12
N LEU A 164 -13.65 0.85 -5.35
CA LEU A 164 -13.81 1.59 -6.60
C LEU A 164 -12.53 1.49 -7.42
N VAL A 165 -12.67 1.07 -8.67
CA VAL A 165 -11.55 1.03 -9.62
C VAL A 165 -11.45 2.40 -10.30
N TYR A 166 -10.26 3.00 -10.23
CA TYR A 166 -9.96 4.24 -10.93
C TYR A 166 -9.12 3.94 -12.17
N ILE A 167 -9.21 4.82 -13.16
CA ILE A 167 -8.36 4.74 -14.34
C ILE A 167 -7.47 5.99 -14.38
N ILE A 168 -6.20 5.79 -14.76
CA ILE A 168 -5.22 6.87 -14.79
C ILE A 168 -4.49 6.86 -16.12
N ASP A 169 -3.70 7.92 -16.32
CA ASP A 169 -2.73 8.04 -17.41
C ASP A 169 -3.40 8.34 -18.74
N PHE A 170 -3.48 9.61 -19.08
CA PHE A 170 -3.98 10.04 -20.38
C PHE A 170 -2.87 10.58 -21.27
N GLY A 171 -1.63 10.17 -21.01
CA GLY A 171 -0.50 10.66 -21.78
C GLY A 171 -0.55 10.23 -23.24
N LEU A 172 -1.23 9.12 -23.54
CA LEU A 172 -1.39 8.64 -24.91
C LEU A 172 -2.81 8.79 -25.43
N ALA A 173 -3.71 9.40 -24.66
CA ALA A 173 -5.10 9.51 -25.05
C ALA A 173 -5.25 10.46 -26.24
N LYS A 174 -6.32 10.25 -27.01
CA LYS A 174 -6.54 11.00 -28.23
C LYS A 174 -8.04 11.21 -28.43
N LYS A 175 -8.40 12.41 -28.85
CA LYS A 175 -9.78 12.68 -29.24
C LYS A 175 -10.10 11.90 -30.51
N TYR A 176 -11.21 11.16 -30.50
CA TYR A 176 -11.60 10.36 -31.65
C TYR A 176 -12.84 10.90 -32.37
N ARG A 177 -13.54 11.89 -31.80
CA ARG A 177 -14.71 12.45 -32.45
C ARG A 177 -14.87 13.90 -32.04
N ASP A 178 -15.55 14.65 -32.91
CA ASP A 178 -15.88 16.05 -32.61
C ASP A 178 -16.88 16.13 -31.47
N ALA A 179 -16.65 17.05 -30.55
CA ALA A 179 -17.49 17.15 -29.35
C ALA A 179 -18.92 17.50 -29.70
N ARG A 180 -19.12 18.37 -30.68
CA ARG A 180 -20.45 18.86 -31.04
C ARG A 180 -21.17 17.94 -32.02
N THR A 181 -20.47 17.51 -33.07
CA THR A 181 -21.08 16.73 -34.14
C THR A 181 -20.87 15.23 -34.02
N HIS A 182 -19.92 14.80 -33.19
CA HIS A 182 -19.56 13.39 -33.04
C HIS A 182 -19.02 12.78 -34.33
N GLN A 183 -18.53 13.62 -35.25
CA GLN A 183 -17.89 13.09 -36.44
C GLN A 183 -16.56 12.43 -36.08
N HIS A 184 -16.37 11.20 -36.54
N HIS A 184 -16.36 11.22 -36.56
CA HIS A 184 -15.23 10.42 -36.11
CA HIS A 184 -15.25 10.36 -36.19
C HIS A 184 -13.99 10.73 -36.95
C HIS A 184 -13.99 10.75 -36.97
N ILE A 185 -12.84 10.56 -36.33
CA ILE A 185 -11.55 10.78 -37.00
C ILE A 185 -11.45 9.77 -38.14
N PRO A 186 -10.67 10.06 -39.18
CA PRO A 186 -10.66 9.17 -40.35
C PRO A 186 -9.86 7.91 -40.09
N TYR A 187 -10.23 6.86 -40.82
CA TYR A 187 -9.44 5.65 -40.84
C TYR A 187 -8.08 5.93 -41.47
N ARG A 188 -7.02 5.46 -40.82
N ARG A 188 -7.02 5.44 -40.83
CA ARG A 188 -5.66 5.62 -41.31
CA ARG A 188 -5.67 5.62 -41.35
C ARG A 188 -4.87 4.36 -40.99
C ARG A 188 -4.83 4.40 -40.97
N GLU A 189 -3.76 4.20 -41.72
CA GLU A 189 -2.83 3.11 -41.48
C GLU A 189 -1.43 3.69 -41.28
N ASN A 190 -0.42 2.82 -41.17
CA ASN A 190 0.96 3.23 -40.97
C ASN A 190 1.15 4.02 -39.68
N LYS A 191 0.38 3.69 -38.65
CA LYS A 191 0.52 4.32 -37.36
C LYS A 191 1.50 3.53 -36.50
N ASN A 192 2.39 4.23 -35.82
CA ASN A 192 3.29 3.57 -34.89
C ASN A 192 2.53 3.11 -33.66
N LEU A 193 3.05 2.07 -33.00
CA LEU A 193 2.39 1.49 -31.85
C LEU A 193 2.52 2.43 -30.66
N THR A 194 1.41 3.04 -30.25
CA THR A 194 1.37 3.91 -29.08
C THR A 194 0.62 3.15 -27.98
N GLY A 195 1.37 2.61 -27.04
CA GLY A 195 0.81 1.83 -25.97
C GLY A 195 1.76 0.71 -25.58
N THR A 196 1.21 -0.29 -24.90
CA THR A 196 1.98 -1.43 -24.41
C THR A 196 1.74 -2.62 -25.32
N ALA A 197 2.82 -3.16 -25.90
CA ALA A 197 2.68 -4.20 -26.91
C ALA A 197 1.90 -5.41 -26.38
N ARG A 198 2.14 -5.78 -25.12
CA ARG A 198 1.52 -7.00 -24.59
C ARG A 198 -0.01 -6.95 -24.72
N TYR A 199 -0.60 -5.79 -24.54
CA TYR A 199 -2.05 -5.66 -24.51
C TYR A 199 -2.63 -5.00 -25.75
N ALA A 200 -1.80 -4.66 -26.73
CA ALA A 200 -2.29 -3.98 -27.93
C ALA A 200 -3.23 -4.88 -28.73
N SER A 201 -4.22 -4.25 -29.35
CA SER A 201 -5.11 -4.97 -30.27
C SER A 201 -4.33 -5.45 -31.49
N ILE A 202 -4.90 -6.44 -32.17
CA ILE A 202 -4.30 -6.93 -33.41
C ILE A 202 -4.17 -5.79 -34.42
N ASN A 203 -5.24 -5.01 -34.60
CA ASN A 203 -5.18 -3.94 -35.58
C ASN A 203 -4.16 -2.88 -35.21
N THR A 204 -3.92 -2.67 -33.91
CA THR A 204 -2.84 -1.77 -33.51
C THR A 204 -1.49 -2.29 -33.99
N HIS A 205 -1.25 -3.60 -33.86
CA HIS A 205 -0.03 -4.18 -34.38
C HIS A 205 0.09 -3.99 -35.89
N LEU A 206 -1.04 -4.04 -36.61
CA LEU A 206 -1.04 -3.82 -38.04
C LEU A 206 -0.87 -2.35 -38.42
N GLY A 207 -0.75 -1.46 -37.45
CA GLY A 207 -0.54 -0.06 -37.76
C GLY A 207 -1.79 0.72 -38.07
N ILE A 208 -2.96 0.21 -37.71
CA ILE A 208 -4.23 0.86 -37.99
C ILE A 208 -4.55 1.85 -36.87
N GLU A 209 -5.07 3.02 -37.26
CA GLU A 209 -5.50 4.02 -36.28
C GLU A 209 -6.37 3.36 -35.21
N GLN A 210 -6.06 3.65 -33.95
CA GLN A 210 -6.83 3.09 -32.85
C GLN A 210 -8.17 3.82 -32.72
N SER A 211 -9.19 3.07 -32.29
CA SER A 211 -10.51 3.64 -32.06
C SER A 211 -11.10 2.97 -30.83
N ARG A 212 -12.41 3.16 -30.62
CA ARG A 212 -13.03 2.67 -29.39
C ARG A 212 -12.88 1.16 -29.25
N ARG A 213 -13.00 0.42 -30.35
CA ARG A 213 -12.90 -1.03 -30.29
C ARG A 213 -11.57 -1.50 -29.71
N ASP A 214 -10.50 -0.73 -29.94
CA ASP A 214 -9.18 -1.20 -29.53
C ASP A 214 -8.99 -1.10 -28.02
N ASP A 215 -9.52 -0.04 -27.41
CA ASP A 215 -9.55 0.04 -25.94
C ASP A 215 -10.19 -1.21 -25.35
N LEU A 216 -11.32 -1.64 -25.93
CA LEU A 216 -12.05 -2.76 -25.36
C LEU A 216 -11.35 -4.09 -25.64
N GLU A 217 -10.72 -4.22 -26.82
CA GLU A 217 -9.97 -5.45 -27.10
C GLU A 217 -8.79 -5.59 -26.15
N SER A 218 -8.06 -4.49 -25.92
CA SER A 218 -6.99 -4.51 -24.91
C SER A 218 -7.51 -4.97 -23.56
N LEU A 219 -8.70 -4.49 -23.15
CA LEU A 219 -9.24 -4.92 -21.87
C LEU A 219 -9.50 -6.41 -21.88
N GLY A 220 -9.96 -6.96 -23.02
CA GLY A 220 -10.15 -8.39 -23.12
C GLY A 220 -8.87 -9.17 -22.84
N TYR A 221 -7.74 -8.68 -23.35
CA TYR A 221 -6.46 -9.32 -23.04
C TYR A 221 -6.10 -9.16 -21.57
N VAL A 222 -6.40 -8.00 -20.98
CA VAL A 222 -6.12 -7.81 -19.55
C VAL A 222 -6.88 -8.82 -18.72
N LEU A 223 -8.15 -9.05 -19.04
CA LEU A 223 -8.96 -9.99 -18.28
C LEU A 223 -8.41 -11.42 -18.42
N MET A 224 -8.03 -11.82 -19.63
CA MET A 224 -7.47 -13.16 -19.79
C MET A 224 -6.09 -13.26 -19.15
N TYR A 225 -5.35 -12.15 -19.13
CA TYR A 225 -4.12 -12.07 -18.35
C TYR A 225 -4.38 -12.36 -16.88
N PHE A 226 -5.43 -11.76 -16.31
CA PHE A 226 -5.77 -12.04 -14.92
C PHE A 226 -6.16 -13.50 -14.74
N ASN A 227 -6.86 -14.08 -15.72
CA ASN A 227 -7.31 -15.46 -15.61
C ASN A 227 -6.12 -16.43 -15.67
N LEU A 228 -5.16 -16.17 -16.55
CA LEU A 228 -4.09 -17.12 -16.85
C LEU A 228 -2.85 -16.91 -15.99
N GLY A 229 -2.64 -15.69 -15.50
CA GLY A 229 -1.40 -15.34 -14.86
C GLY A 229 -0.37 -14.73 -15.80
N SER A 230 -0.53 -14.96 -17.10
CA SER A 230 0.35 -14.43 -18.13
C SER A 230 -0.31 -14.67 -19.47
N LEU A 231 0.17 -13.98 -20.49
CA LEU A 231 -0.33 -14.17 -21.83
C LEU A 231 0.71 -14.92 -22.67
N PRO A 232 0.28 -15.71 -23.65
CA PRO A 232 1.22 -16.58 -24.36
C PRO A 232 2.23 -15.86 -25.23
N TRP A 233 2.03 -14.57 -25.53
CA TRP A 233 3.01 -13.78 -26.26
C TRP A 233 3.97 -13.01 -25.35
N GLN A 234 3.94 -13.29 -24.04
CA GLN A 234 4.90 -12.72 -23.11
C GLN A 234 6.22 -13.47 -23.16
N GLY A 235 7.30 -12.78 -22.77
CA GLY A 235 8.59 -13.39 -22.63
C GLY A 235 9.41 -13.54 -23.90
N LEU A 236 8.99 -12.91 -25.00
CA LEU A 236 9.70 -13.01 -26.27
C LEU A 236 10.82 -11.97 -26.32
N LYS A 237 11.97 -12.39 -26.83
CA LYS A 237 13.17 -11.59 -26.89
C LYS A 237 13.52 -11.30 -28.35
N ALA A 238 14.11 -10.13 -28.59
CA ALA A 238 14.61 -9.77 -29.92
C ALA A 238 15.68 -8.70 -29.78
N ALA A 239 16.37 -8.44 -30.89
CA ALA A 239 17.48 -7.49 -30.92
C ALA A 239 17.05 -6.07 -30.54
N TPO A 240 16.01 -5.56 -31.20
N TPO A 240 16.00 -5.58 -31.20
CA TPO A 240 15.48 -4.24 -30.84
CA TPO A 240 15.47 -4.24 -30.98
CB TPO A 240 15.88 -3.20 -31.88
CB TPO A 240 15.77 -3.36 -32.19
CG2 TPO A 240 15.58 -3.71 -33.28
CG2 TPO A 240 17.27 -3.30 -32.42
OG1 TPO A 240 15.13 -2.01 -31.63
OG1 TPO A 240 15.13 -3.94 -33.33
P TPO A 240 15.99 -1.04 -30.67
P TPO A 240 14.67 -2.76 -34.34
O1P TPO A 240 16.96 -0.26 -31.49
O1P TPO A 240 15.87 -2.11 -34.92
O2P TPO A 240 16.80 -1.90 -29.58
O2P TPO A 240 13.80 -3.40 -35.53
O3P TPO A 240 15.00 -0.04 -29.90
O3P TPO A 240 13.77 -1.68 -33.56
C TPO A 240 13.97 -4.29 -30.69
C TPO A 240 13.96 -4.29 -30.71
O TPO A 240 13.33 -5.29 -31.01
O TPO A 240 13.32 -5.31 -30.97
HA TPO A 240 15.86 -3.98 -29.98
HA TPO A 240 15.90 -3.85 -30.21
HB TPO A 240 16.95 -2.99 -31.78
HB TPO A 240 15.38 -2.36 -32.01
HG21 TPO A 240 15.73 -2.89 -34.00
HG21 TPO A 240 17.51 -2.54 -33.16
HG22 TPO A 240 14.56 -4.05 -33.35
HG22 TPO A 240 17.63 -4.27 -32.78
HG23 TPO A 240 16.25 -4.52 -33.53
HG23 TPO A 240 17.78 -3.07 -31.48
N LYS A 241 13.41 -3.20 -30.20
CA LYS A 241 11.99 -3.13 -29.86
C LYS A 241 11.08 -3.47 -31.05
N ARG A 242 11.43 -2.97 -32.23
CA ARG A 242 10.60 -3.22 -33.41
C ARG A 242 10.48 -4.71 -33.68
N GLN A 243 11.61 -5.42 -33.69
CA GLN A 243 11.58 -6.85 -33.94
C GLN A 243 10.82 -7.59 -32.83
N LYS A 244 10.94 -7.12 -31.60
CA LYS A 244 10.20 -7.74 -30.50
C LYS A 244 8.71 -7.57 -30.70
N TYR A 245 8.27 -6.36 -31.05
CA TYR A 245 6.85 -6.13 -31.29
C TYR A 245 6.33 -7.02 -32.41
N GLU A 246 7.15 -7.24 -33.44
CA GLU A 246 6.78 -8.13 -34.53
C GLU A 246 6.62 -9.56 -34.03
N ARG A 247 7.52 -10.01 -33.14
CA ARG A 247 7.36 -11.33 -32.55
C ARG A 247 6.06 -11.42 -31.75
N ILE A 248 5.78 -10.40 -30.95
CA ILE A 248 4.54 -10.38 -30.18
C ILE A 248 3.34 -10.40 -31.12
N SER A 249 3.39 -9.56 -32.17
CA SER A 249 2.32 -9.51 -33.14
C SER A 249 2.06 -10.89 -33.75
N GLU A 250 3.12 -11.58 -34.19
CA GLU A 250 2.94 -12.87 -34.84
C GLU A 250 2.30 -13.89 -33.91
N LYS A 251 2.75 -13.94 -32.66
CA LYS A 251 2.19 -14.91 -31.72
C LYS A 251 0.75 -14.58 -31.38
N LYS A 252 0.45 -13.29 -31.23
CA LYS A 252 -0.93 -12.87 -30.96
C LYS A 252 -1.86 -13.24 -32.10
N MET A 253 -1.40 -13.05 -33.34
CA MET A 253 -2.24 -13.36 -34.49
C MET A 253 -2.37 -14.87 -34.74
N SER A 254 -1.42 -15.67 -34.26
CA SER A 254 -1.46 -17.11 -34.47
C SER A 254 -2.06 -17.87 -33.29
N THR A 255 -2.55 -17.15 -32.28
CA THR A 255 -3.21 -17.79 -31.14
C THR A 255 -4.71 -17.50 -31.25
N PRO A 256 -5.52 -18.45 -31.72
CA PRO A 256 -6.96 -18.17 -31.82
C PRO A 256 -7.57 -17.93 -30.45
N ILE A 257 -8.61 -17.11 -30.43
CA ILE A 257 -9.29 -16.78 -29.18
C ILE A 257 -9.77 -18.04 -28.49
N GLU A 258 -10.18 -19.05 -29.25
N GLU A 258 -10.23 -19.03 -29.26
CA GLU A 258 -10.69 -20.28 -28.67
CA GLU A 258 -10.68 -20.28 -28.66
C GLU A 258 -9.60 -21.03 -27.91
C GLU A 258 -9.57 -20.92 -27.83
N VAL A 259 -8.35 -20.93 -28.36
CA VAL A 259 -7.23 -21.54 -27.63
C VAL A 259 -6.83 -20.68 -26.44
N LEU A 260 -6.74 -19.37 -26.65
CA LEU A 260 -6.36 -18.46 -25.56
C LEU A 260 -7.26 -18.66 -24.35
N CYS A 261 -8.57 -18.81 -24.57
CA CYS A 261 -9.55 -18.80 -23.51
C CYS A 261 -10.01 -20.19 -23.07
N LYS A 262 -9.39 -21.25 -23.58
CA LYS A 262 -9.81 -22.59 -23.22
C LYS A 262 -9.64 -22.80 -21.72
N GLY A 263 -10.67 -23.40 -21.10
CA GLY A 263 -10.66 -23.67 -19.67
C GLY A 263 -11.26 -22.58 -18.82
N TYR A 264 -11.78 -21.53 -19.42
CA TYR A 264 -12.43 -20.44 -18.70
C TYR A 264 -13.81 -20.24 -19.30
N PRO A 265 -14.74 -19.65 -18.54
CA PRO A 265 -16.11 -19.50 -19.03
C PRO A 265 -16.12 -18.86 -20.41
N SER A 266 -17.03 -19.34 -21.27
CA SER A 266 -17.05 -18.90 -22.66
C SER A 266 -17.24 -17.40 -22.81
N GLU A 267 -17.75 -16.72 -21.78
CA GLU A 267 -17.99 -15.28 -21.89
C GLU A 267 -16.72 -14.52 -22.28
N PHE A 268 -15.55 -14.99 -21.84
CA PHE A 268 -14.32 -14.26 -22.14
C PHE A 268 -13.98 -14.34 -23.63
N ALA A 269 -14.20 -15.50 -24.24
CA ALA A 269 -14.02 -15.63 -25.68
C ALA A 269 -15.08 -14.83 -26.43
N THR A 270 -16.33 -14.89 -25.99
CA THR A 270 -17.39 -14.10 -26.62
C THR A 270 -17.05 -12.61 -26.59
N TYR A 271 -16.57 -12.12 -25.44
CA TYR A 271 -16.15 -10.72 -25.33
C TYR A 271 -15.10 -10.37 -26.38
N LEU A 272 -14.05 -11.19 -26.46
CA LEU A 272 -12.95 -10.87 -27.37
C LEU A 272 -13.38 -10.95 -28.83
N ASN A 273 -14.19 -11.95 -29.18
CA ASN A 273 -14.68 -12.05 -30.56
C ASN A 273 -15.54 -10.84 -30.93
N PHE A 274 -16.36 -10.38 -29.99
CA PHE A 274 -17.18 -9.20 -30.25
C PHE A 274 -16.31 -7.98 -30.54
N CYS A 275 -15.28 -7.77 -29.71
CA CYS A 275 -14.41 -6.61 -29.90
C CYS A 275 -13.68 -6.67 -31.24
N ARG A 276 -13.16 -7.84 -31.61
CA ARG A 276 -12.46 -7.97 -32.89
C ARG A 276 -13.40 -7.80 -34.08
N SER A 277 -14.70 -8.00 -33.89
CA SER A 277 -15.66 -7.87 -34.98
C SER A 277 -16.15 -6.44 -35.18
N LEU A 278 -15.85 -5.54 -34.24
CA LEU A 278 -16.27 -4.15 -34.37
C LEU A 278 -15.55 -3.48 -35.53
N ARG A 279 -16.29 -2.68 -36.29
CA ARG A 279 -15.70 -1.84 -37.31
C ARG A 279 -15.04 -0.62 -36.70
N PHE A 280 -14.12 -0.02 -37.46
CA PHE A 280 -13.35 1.13 -36.98
C PHE A 280 -14.25 2.19 -36.34
N ASP A 281 -15.37 2.52 -36.98
CA ASP A 281 -16.23 3.61 -36.54
C ASP A 281 -17.32 3.18 -35.57
N ASP A 282 -17.48 1.88 -35.32
CA ASP A 282 -18.61 1.40 -34.54
C ASP A 282 -18.60 1.91 -33.11
N LYS A 283 -19.78 2.28 -32.61
CA LYS A 283 -19.96 2.50 -31.20
C LYS A 283 -20.15 1.15 -30.51
N PRO A 284 -19.28 0.76 -29.58
CA PRO A 284 -19.45 -0.56 -28.94
C PRO A 284 -20.73 -0.63 -28.14
N ASP A 285 -21.29 -1.85 -28.06
CA ASP A 285 -22.45 -2.11 -27.21
C ASP A 285 -21.93 -2.44 -25.81
N TYR A 286 -21.61 -1.38 -25.06
CA TYR A 286 -21.01 -1.56 -23.74
C TYR A 286 -21.93 -2.35 -22.82
N SER A 287 -23.24 -2.08 -22.89
CA SER A 287 -24.20 -2.75 -22.03
C SER A 287 -24.18 -4.26 -22.28
N TYR A 288 -24.19 -4.66 -23.55
CA TYR A 288 -24.10 -6.09 -23.89
C TYR A 288 -22.86 -6.73 -23.29
N LEU A 289 -21.72 -6.02 -23.36
CA LEU A 289 -20.47 -6.60 -22.86
C LEU A 289 -20.49 -6.73 -21.34
N ARG A 290 -20.98 -5.70 -20.65
CA ARG A 290 -21.10 -5.80 -19.20
C ARG A 290 -22.07 -6.92 -18.80
N GLN A 291 -23.14 -7.09 -19.58
CA GLN A 291 -24.15 -8.07 -19.22
C GLN A 291 -23.66 -9.50 -19.40
N LEU A 292 -22.76 -9.75 -20.36
CA LEU A 292 -22.12 -11.05 -20.45
C LEU A 292 -21.57 -11.48 -19.11
N PHE A 293 -20.77 -10.60 -18.49
CA PHE A 293 -20.12 -10.92 -17.24
C PHE A 293 -21.07 -10.80 -16.05
N ARG A 294 -21.98 -9.82 -16.08
CA ARG A 294 -22.94 -9.67 -15.00
C ARG A 294 -23.84 -10.89 -14.89
N ASN A 295 -24.32 -11.41 -16.02
CA ASN A 295 -25.17 -12.59 -15.98
C ASN A 295 -24.40 -13.78 -15.40
N LEU A 296 -23.15 -13.96 -15.82
CA LEU A 296 -22.33 -15.00 -15.24
C LEU A 296 -22.17 -14.80 -13.74
N PHE A 297 -21.89 -13.56 -13.32
CA PHE A 297 -21.74 -13.27 -11.89
C PHE A 297 -23.00 -13.60 -11.11
N HIS A 298 -24.16 -13.12 -11.59
CA HIS A 298 -25.41 -13.28 -10.83
C HIS A 298 -25.88 -14.72 -10.84
N ARG A 299 -25.55 -15.49 -11.88
CA ARG A 299 -25.95 -16.89 -11.94
C ARG A 299 -25.40 -17.70 -10.78
N GLN A 300 -24.27 -17.29 -10.21
CA GLN A 300 -23.72 -17.99 -9.06
C GLN A 300 -24.47 -17.71 -7.76
N GLY A 301 -25.36 -16.72 -7.73
CA GLY A 301 -26.16 -16.51 -6.53
C GLY A 301 -25.30 -16.11 -5.35
N PHE A 302 -25.56 -16.74 -4.20
CA PHE A 302 -24.90 -16.43 -2.95
C PHE A 302 -23.51 -17.04 -2.84
N SER A 303 -23.09 -17.86 -3.81
CA SER A 303 -21.72 -18.37 -3.78
C SER A 303 -20.70 -17.28 -4.10
N TYR A 304 -21.15 -16.09 -4.49
CA TYR A 304 -20.27 -14.96 -4.77
C TYR A 304 -20.51 -13.82 -3.79
N ASP A 305 -19.44 -13.07 -3.54
CA ASP A 305 -19.43 -11.87 -2.71
C ASP A 305 -19.29 -10.63 -3.59
N TYR A 306 -19.24 -9.47 -2.94
CA TYR A 306 -18.78 -8.23 -3.56
C TYR A 306 -17.45 -7.78 -2.97
N VAL A 307 -16.64 -8.75 -2.56
CA VAL A 307 -15.38 -8.52 -1.85
C VAL A 307 -14.25 -8.99 -2.76
N PHE A 308 -13.32 -8.10 -3.07
CA PHE A 308 -12.21 -8.51 -3.91
C PHE A 308 -11.27 -9.44 -3.12
N ASP A 309 -10.49 -10.23 -3.88
CA ASP A 309 -9.64 -11.24 -3.26
C ASP A 309 -8.71 -10.65 -2.21
N TRP A 310 -8.18 -9.45 -2.45
CA TRP A 310 -7.21 -8.85 -1.56
C TRP A 310 -7.85 -8.20 -0.33
N ASN A 311 -9.18 -8.16 -0.26
CA ASN A 311 -9.89 -7.69 0.91
C ASN A 311 -10.52 -8.83 1.72
N MET A 312 -10.36 -10.07 1.27
CA MET A 312 -11.00 -11.21 1.92
C MET A 312 -10.33 -11.52 3.25
N MET B 21 17.53 -8.18 -16.25
CA MET B 21 18.58 -7.90 -15.23
C MET B 21 18.00 -7.91 -13.82
N GLU B 22 17.74 -9.10 -13.30
CA GLU B 22 17.19 -9.25 -11.96
C GLU B 22 18.31 -9.47 -10.95
N LEU B 23 18.08 -8.97 -9.74
CA LEU B 23 18.98 -9.17 -8.60
C LEU B 23 18.28 -10.08 -7.60
N ARG B 24 18.93 -11.18 -7.25
CA ARG B 24 18.32 -12.20 -6.42
C ARG B 24 19.01 -12.29 -5.06
N VAL B 25 18.24 -12.71 -4.06
CA VAL B 25 18.72 -12.97 -2.72
C VAL B 25 18.38 -14.41 -2.37
N GLY B 26 19.36 -15.15 -1.86
CA GLY B 26 19.17 -16.53 -1.46
C GLY B 26 18.75 -17.46 -2.59
N ASN B 27 19.08 -17.11 -3.83
CA ASN B 27 18.79 -17.96 -4.99
C ASN B 27 17.29 -18.21 -5.15
N ARG B 28 16.44 -17.35 -4.59
CA ARG B 28 15.01 -17.64 -4.58
C ARG B 28 14.14 -16.39 -4.62
N TYR B 29 14.62 -15.27 -4.10
CA TYR B 29 13.80 -14.06 -3.93
C TYR B 29 14.30 -12.97 -4.86
N ARG B 30 13.40 -12.48 -5.72
CA ARG B 30 13.73 -11.41 -6.66
C ARG B 30 13.54 -10.06 -5.99
N LEU B 31 14.57 -9.22 -6.05
CA LEU B 31 14.53 -7.94 -5.35
C LEU B 31 13.77 -6.92 -6.20
N GLY B 32 12.82 -6.24 -5.56
CA GLY B 32 12.01 -5.24 -6.26
C GLY B 32 12.31 -3.82 -5.83
N ARG B 33 11.28 -2.97 -5.83
N ARG B 33 11.27 -2.98 -5.82
CA ARG B 33 11.46 -1.57 -5.48
CA ARG B 33 11.43 -1.58 -5.48
C ARG B 33 11.62 -1.40 -3.98
C ARG B 33 11.59 -1.38 -3.98
N LYS B 34 12.32 -0.34 -3.60
CA LYS B 34 12.48 0.00 -2.20
C LYS B 34 11.16 0.51 -1.64
N ILE B 35 10.87 0.17 -0.39
CA ILE B 35 9.61 0.52 0.23
C ILE B 35 9.84 1.07 1.63
N GLY B 36 11.09 1.32 1.99
CA GLY B 36 11.42 1.88 3.28
C GLY B 36 12.84 1.60 3.72
N ASP B 42 16.28 0.62 3.59
CA ASP B 42 16.96 -0.63 3.33
C ASP B 42 15.98 -1.80 3.29
N ILE B 43 14.70 -1.49 3.08
CA ILE B 43 13.65 -2.49 2.95
C ILE B 43 13.16 -2.49 1.51
N TYR B 44 13.12 -3.67 0.91
CA TYR B 44 12.73 -3.83 -0.48
C TYR B 44 11.53 -4.77 -0.58
N LEU B 45 10.63 -4.45 -1.50
CA LEU B 45 9.65 -5.43 -1.93
C LEU B 45 10.36 -6.51 -2.74
N GLY B 46 9.94 -7.76 -2.55
CA GLY B 46 10.54 -8.87 -3.26
C GLY B 46 9.50 -9.89 -3.66
N THR B 47 9.93 -10.82 -4.51
CA THR B 47 9.06 -11.89 -4.99
C THR B 47 9.73 -13.23 -4.73
N ASP B 48 9.01 -14.12 -4.03
CA ASP B 48 9.42 -15.50 -3.84
C ASP B 48 9.15 -16.25 -5.14
N ILE B 49 10.21 -16.47 -5.94
CA ILE B 49 10.03 -17.04 -7.27
C ILE B 49 9.41 -18.44 -7.18
N ALA B 50 9.85 -19.22 -6.20
CA ALA B 50 9.36 -20.59 -6.07
C ALA B 50 7.90 -20.62 -5.64
N ALA B 51 7.58 -19.91 -4.56
CA ALA B 51 6.23 -19.95 -3.99
C ALA B 51 5.29 -18.94 -4.61
N GLY B 52 5.80 -17.92 -5.30
CA GLY B 52 4.99 -17.01 -6.07
C GLY B 52 4.36 -15.87 -5.31
N GLU B 53 4.71 -15.65 -4.04
CA GLU B 53 4.15 -14.56 -3.28
C GLU B 53 5.21 -13.48 -3.07
N GLU B 54 4.76 -12.30 -2.70
CA GLU B 54 5.67 -11.20 -2.44
C GLU B 54 6.17 -11.26 -1.00
N VAL B 55 7.35 -10.69 -0.78
CA VAL B 55 7.99 -10.69 0.52
C VAL B 55 8.62 -9.31 0.73
N ALA B 56 9.07 -9.07 1.96
CA ALA B 56 9.83 -7.89 2.31
C ALA B 56 11.27 -8.31 2.60
N ILE B 57 12.23 -7.58 2.04
CA ILE B 57 13.64 -7.94 2.12
C ILE B 57 14.38 -6.79 2.79
N LYS B 58 15.11 -7.11 3.85
CA LYS B 58 15.93 -6.14 4.57
C LYS B 58 17.40 -6.41 4.32
N LEU B 59 18.14 -5.40 3.90
CA LEU B 59 19.57 -5.50 3.63
C LEU B 59 20.33 -4.65 4.63
N GLU B 60 21.38 -5.23 5.21
CA GLU B 60 22.22 -4.54 6.19
C GLU B 60 23.67 -4.69 5.78
N CYS B 61 24.39 -3.58 5.75
CA CYS B 61 25.82 -3.62 5.45
C CYS B 61 26.58 -4.30 6.57
N VAL B 62 27.55 -5.13 6.20
CA VAL B 62 28.34 -5.87 7.18
C VAL B 62 29.22 -4.92 7.97
N LEU B 69 21.93 -7.92 12.52
CA LEU B 69 20.78 -8.50 11.84
C LEU B 69 20.62 -9.98 12.21
N HIS B 70 21.74 -10.70 12.26
CA HIS B 70 21.66 -12.12 12.58
C HIS B 70 21.24 -12.34 14.03
N ILE B 71 21.73 -11.50 14.94
CA ILE B 71 21.24 -11.55 16.32
C ILE B 71 19.75 -11.29 16.36
N GLU B 72 19.29 -10.32 15.57
CA GLU B 72 17.86 -10.03 15.51
C GLU B 72 17.08 -11.20 14.92
N SER B 73 17.65 -11.88 13.93
CA SER B 73 16.96 -13.02 13.33
C SER B 73 16.69 -14.10 14.37
N LYS B 74 17.62 -14.30 15.29
CA LYS B 74 17.42 -15.30 16.34
C LYS B 74 16.28 -14.92 17.27
N ILE B 75 16.11 -13.63 17.55
CA ILE B 75 15.00 -13.19 18.41
C ILE B 75 13.67 -13.42 17.70
N TYR B 76 13.56 -13.00 16.44
CA TYR B 76 12.38 -13.31 15.65
C TYR B 76 12.03 -14.79 15.73
N LYS B 77 13.02 -15.64 15.50
CA LYS B 77 12.76 -17.08 15.44
C LYS B 77 12.38 -17.65 16.80
N MET B 78 12.90 -17.08 17.88
CA MET B 78 12.42 -17.46 19.21
C MET B 78 10.96 -17.04 19.41
N MET B 79 10.54 -15.94 18.75
CA MET B 79 9.19 -15.43 18.90
C MET B 79 8.19 -16.09 17.96
N GLN B 80 8.65 -16.92 17.01
CA GLN B 80 7.76 -17.41 15.97
C GLN B 80 6.57 -18.15 16.56
N GLY B 81 5.44 -18.05 15.87
CA GLY B 81 4.21 -18.66 16.32
C GLY B 81 3.31 -17.75 17.13
N GLY B 82 3.86 -16.72 17.75
CA GLY B 82 3.03 -15.80 18.50
C GLY B 82 2.11 -15.02 17.59
N VAL B 83 0.94 -14.65 18.13
CA VAL B 83 0.00 -13.85 17.37
C VAL B 83 0.63 -12.51 17.05
N GLY B 84 0.57 -12.12 15.77
CA GLY B 84 1.11 -10.84 15.38
C GLY B 84 2.62 -10.77 15.32
N ILE B 85 3.29 -11.91 15.33
CA ILE B 85 4.75 -11.97 15.16
C ILE B 85 5.01 -12.38 13.71
N PRO B 86 5.73 -11.58 12.93
CA PRO B 86 5.97 -11.96 11.53
C PRO B 86 6.91 -13.13 11.42
N THR B 87 6.73 -13.90 10.36
CA THR B 87 7.56 -15.06 10.07
C THR B 87 8.74 -14.66 9.19
N ILE B 88 9.92 -15.16 9.56
CA ILE B 88 11.13 -14.94 8.78
C ILE B 88 11.30 -16.11 7.82
N ARG B 89 11.38 -15.80 6.52
CA ARG B 89 11.47 -16.81 5.48
C ARG B 89 12.90 -17.28 5.25
N TRP B 90 13.87 -16.37 5.31
CA TRP B 90 15.24 -16.72 4.96
C TRP B 90 16.20 -15.72 5.60
N CYS B 91 17.36 -16.22 6.02
CA CYS B 91 18.44 -15.39 6.55
C CYS B 91 19.74 -15.86 5.94
N GLY B 92 20.64 -14.91 5.70
CA GLY B 92 21.94 -15.25 5.16
C GLY B 92 22.73 -14.01 4.82
N ALA B 93 23.88 -14.25 4.19
CA ALA B 93 24.77 -13.19 3.76
C ALA B 93 24.80 -13.15 2.24
N GLU B 94 24.84 -11.95 1.68
CA GLU B 94 24.84 -11.77 0.24
C GLU B 94 25.82 -10.66 -0.09
N GLY B 95 26.96 -11.03 -0.66
CA GLY B 95 27.99 -10.05 -0.97
C GLY B 95 28.39 -9.28 0.27
N ASP B 96 28.21 -7.96 0.24
CA ASP B 96 28.57 -7.09 1.35
C ASP B 96 27.40 -6.82 2.28
N TYR B 97 26.39 -7.67 2.28
CA TYR B 97 25.16 -7.43 3.02
C TYR B 97 24.73 -8.69 3.76
N ASN B 98 24.22 -8.50 4.98
CA ASN B 98 23.43 -9.51 5.65
C ASN B 98 21.97 -9.27 5.27
N VAL B 99 21.25 -10.36 5.00
CA VAL B 99 19.91 -10.27 4.43
C VAL B 99 18.93 -11.05 5.29
N MET B 100 17.73 -10.50 5.45
CA MET B 100 16.62 -11.19 6.07
C MET B 100 15.39 -11.01 5.21
N VAL B 101 14.64 -12.09 4.99
CA VAL B 101 13.41 -12.08 4.20
C VAL B 101 12.25 -12.39 5.13
N MET B 102 11.23 -11.55 5.10
CA MET B 102 10.06 -11.65 5.95
C MET B 102 8.80 -11.71 5.11
N GLU B 103 7.76 -12.36 5.65
CA GLU B 103 6.46 -12.28 5.00
C GLU B 103 6.07 -10.82 4.83
N LEU B 104 5.36 -10.53 3.74
CA LEU B 104 4.99 -9.15 3.46
C LEU B 104 3.90 -8.70 4.41
N LEU B 105 4.13 -7.56 5.07
CA LEU B 105 3.14 -6.91 5.92
C LEU B 105 2.70 -5.60 5.26
N GLY B 106 1.80 -4.89 5.92
CA GLY B 106 1.23 -3.69 5.38
C GLY B 106 1.87 -2.41 5.93
N PRO B 107 1.17 -1.29 5.78
CA PRO B 107 1.70 -0.02 6.28
C PRO B 107 1.81 -0.02 7.80
N SER B 108 2.72 0.81 8.30
CA SER B 108 2.87 0.99 9.74
C SER B 108 1.72 1.83 10.27
N LEU B 109 1.60 1.85 11.60
CA LEU B 109 0.56 2.68 12.21
C LEU B 109 0.87 4.16 12.04
N GLU B 110 2.15 4.53 11.95
CA GLU B 110 2.49 5.90 11.60
C GLU B 110 2.03 6.23 10.19
N ASP B 111 2.26 5.32 9.23
CA ASP B 111 1.78 5.53 7.87
C ASP B 111 0.27 5.74 7.86
N LEU B 112 -0.46 4.87 8.57
CA LEU B 112 -1.91 4.96 8.57
C LEU B 112 -2.40 6.19 9.34
N PHE B 113 -1.69 6.57 10.40
CA PHE B 113 -2.04 7.80 11.10
C PHE B 113 -1.98 9.00 10.16
N ASN B 114 -0.92 9.11 9.36
CA ASN B 114 -0.81 10.20 8.40
C ASN B 114 -1.89 10.11 7.33
N PHE B 115 -2.19 8.89 6.86
CA PHE B 115 -3.24 8.73 5.87
C PHE B 115 -4.59 9.20 6.41
N CYS B 116 -4.82 9.01 7.72
CA CYS B 116 -6.02 9.48 8.37
C CYS B 116 -5.91 10.91 8.89
N SER B 117 -5.02 11.71 8.31
CA SER B 117 -4.86 13.12 8.68
C SER B 117 -4.48 13.27 10.15
N ARG B 118 -3.71 12.32 10.67
CA ARG B 118 -3.18 12.36 12.03
C ARG B 118 -4.30 12.50 13.06
N LYS B 119 -5.36 11.71 12.86
CA LYS B 119 -6.52 11.70 13.73
C LYS B 119 -7.12 10.30 13.71
N PHE B 120 -7.11 9.62 14.85
CA PHE B 120 -7.78 8.33 15.01
C PHE B 120 -9.00 8.49 15.91
N SER B 121 -10.09 7.84 15.54
CA SER B 121 -11.27 7.78 16.38
C SER B 121 -10.96 7.01 17.67
N LEU B 122 -11.78 7.24 18.70
CA LEU B 122 -11.57 6.52 19.96
C LEU B 122 -11.68 5.01 19.74
N LYS B 123 -12.63 4.57 18.92
CA LYS B 123 -12.76 3.14 18.66
C LYS B 123 -11.47 2.57 18.10
N THR B 124 -10.90 3.22 17.08
CA THR B 124 -9.67 2.71 16.48
C THR B 124 -8.54 2.67 17.50
N VAL B 125 -8.41 3.72 18.32
CA VAL B 125 -7.36 3.74 19.33
C VAL B 125 -7.52 2.56 20.29
N LEU B 126 -8.76 2.28 20.70
CA LEU B 126 -9.00 1.19 21.64
C LEU B 126 -8.81 -0.17 20.99
N LEU B 127 -9.20 -0.30 19.72
CA LEU B 127 -8.92 -1.54 19.00
C LEU B 127 -7.42 -1.80 18.93
N LEU B 128 -6.65 -0.74 18.63
CA LEU B 128 -5.21 -0.87 18.56
C LEU B 128 -4.61 -1.17 19.93
N ALA B 129 -5.11 -0.50 20.96
CA ALA B 129 -4.55 -0.67 22.30
C ALA B 129 -4.62 -2.13 22.75
N ASP B 130 -5.77 -2.78 22.51
CA ASP B 130 -5.92 -4.17 22.96
C ASP B 130 -4.86 -5.06 22.34
N GLN B 131 -4.68 -4.96 21.01
CA GLN B 131 -3.72 -5.82 20.34
C GLN B 131 -2.29 -5.46 20.73
N MET B 132 -2.00 -4.17 20.85
CA MET B 132 -0.62 -3.75 21.14
C MET B 132 -0.20 -4.18 22.54
N ILE B 133 -1.10 -4.11 23.53
CA ILE B 133 -0.78 -4.62 24.85
C ILE B 133 -0.45 -6.10 24.78
N SER B 134 -1.21 -6.86 23.98
CA SER B 134 -0.99 -8.30 23.89
C SER B 134 0.34 -8.63 23.20
N ARG B 135 0.72 -7.86 22.17
CA ARG B 135 2.02 -8.09 21.53
C ARG B 135 3.15 -7.89 22.51
N ILE B 136 3.08 -6.82 23.30
CA ILE B 136 4.11 -6.55 24.31
C ILE B 136 4.14 -7.64 25.36
N GLU B 137 2.96 -8.07 25.83
CA GLU B 137 2.90 -9.16 26.80
C GLU B 137 3.58 -10.42 26.24
N TYR B 138 3.29 -10.76 24.98
CA TYR B 138 3.87 -11.95 24.39
C TYR B 138 5.39 -11.86 24.37
N ILE B 139 5.93 -10.73 23.90
CA ILE B 139 7.38 -10.57 23.88
C ILE B 139 7.96 -10.76 25.28
N HIS B 140 7.33 -10.15 26.29
CA HIS B 140 7.80 -10.29 27.67
C HIS B 140 7.72 -11.73 28.14
N SER B 141 6.68 -12.46 27.74
CA SER B 141 6.58 -13.88 28.12
C SER B 141 7.72 -14.68 27.52
N LYS B 142 8.30 -14.23 26.41
CA LYS B 142 9.45 -14.87 25.81
C LYS B 142 10.78 -14.29 26.30
N ASN B 143 10.75 -13.58 27.43
CA ASN B 143 11.92 -13.18 28.20
C ASN B 143 12.66 -11.97 27.64
N PHE B 144 12.05 -11.22 26.72
CA PHE B 144 12.67 -10.05 26.12
C PHE B 144 11.83 -8.80 26.36
N ILE B 145 12.50 -7.65 26.34
CA ILE B 145 11.83 -6.35 26.27
C ILE B 145 12.18 -5.73 24.92
N HIS B 146 11.22 -4.99 24.36
CA HIS B 146 11.38 -4.47 23.00
C HIS B 146 12.25 -3.24 22.95
N ARG B 147 11.97 -2.26 23.83
CA ARG B 147 12.77 -1.06 24.05
C ARG B 147 12.68 -0.01 22.95
N ASP B 148 11.80 -0.19 21.95
CA ASP B 148 11.55 0.87 20.98
C ASP B 148 10.10 0.79 20.51
N VAL B 149 9.18 0.84 21.46
CA VAL B 149 7.76 0.80 21.15
C VAL B 149 7.35 2.14 20.56
N LYS B 150 6.92 2.14 19.31
CA LYS B 150 6.55 3.36 18.61
C LYS B 150 5.66 2.99 17.43
N PRO B 151 4.87 3.93 16.92
CA PRO B 151 3.94 3.60 15.82
C PRO B 151 4.62 3.01 14.61
N ASP B 152 5.87 3.40 14.34
CA ASP B 152 6.59 2.94 13.17
C ASP B 152 6.92 1.44 13.23
N ASN B 153 6.82 0.84 14.42
CA ASN B 153 7.19 -0.57 14.61
C ASN B 153 5.97 -1.47 14.77
N PHE B 154 4.77 -0.96 14.52
CA PHE B 154 3.57 -1.79 14.43
C PHE B 154 3.04 -1.66 13.01
N LEU B 155 2.87 -2.81 12.35
CA LEU B 155 2.39 -2.85 10.97
C LEU B 155 1.11 -3.66 10.90
N MET B 156 0.14 -3.20 10.13
CA MET B 156 -1.04 -4.01 9.87
C MET B 156 -0.71 -5.11 8.87
N GLY B 157 -1.35 -6.26 9.05
CA GLY B 157 -1.28 -7.30 8.05
C GLY B 157 -2.00 -6.90 6.78
N LEU B 158 -1.76 -7.67 5.73
CA LEU B 158 -2.43 -7.49 4.45
C LEU B 158 -3.37 -8.66 4.19
N GLY B 159 -4.31 -8.44 3.27
CA GLY B 159 -5.21 -9.51 2.84
C GLY B 159 -6.01 -10.08 3.99
N LYS B 160 -5.92 -11.40 4.18
CA LYS B 160 -6.70 -12.06 5.22
C LYS B 160 -6.29 -11.61 6.62
N LYS B 161 -5.10 -11.04 6.77
CA LYS B 161 -4.63 -10.57 8.07
C LYS B 161 -4.76 -9.07 8.24
N GLY B 162 -5.66 -8.44 7.49
CA GLY B 162 -5.81 -6.99 7.52
C GLY B 162 -6.31 -6.45 8.84
N ASN B 163 -6.85 -7.30 9.72
CA ASN B 163 -7.35 -6.86 11.02
C ASN B 163 -6.35 -7.11 12.13
N LEU B 164 -5.15 -7.58 11.81
CA LEU B 164 -4.17 -8.00 12.80
C LEU B 164 -3.01 -7.01 12.85
N VAL B 165 -2.69 -6.55 14.06
CA VAL B 165 -1.54 -5.68 14.29
C VAL B 165 -0.31 -6.56 14.52
N TYR B 166 0.73 -6.32 13.75
CA TYR B 166 2.02 -6.98 13.93
C TYR B 166 3.00 -6.03 14.61
N ILE B 167 3.96 -6.61 15.32
CA ILE B 167 5.08 -5.86 15.90
C ILE B 167 6.35 -6.31 15.22
N ILE B 168 7.26 -5.37 14.93
CA ILE B 168 8.49 -5.68 14.22
C ILE B 168 9.67 -5.02 14.93
N ASP B 169 10.86 -5.39 14.48
CA ASP B 169 12.12 -4.73 14.81
C ASP B 169 12.58 -5.07 16.22
N PHE B 170 13.46 -6.06 16.33
CA PHE B 170 14.08 -6.43 17.60
C PHE B 170 15.55 -6.03 17.65
N GLY B 171 15.96 -5.05 16.84
CA GLY B 171 17.34 -4.61 16.82
C GLY B 171 17.81 -4.01 18.13
N LEU B 172 16.90 -3.48 18.94
CA LEU B 172 17.24 -2.90 20.23
C LEU B 172 16.72 -3.75 21.39
N ALA B 173 16.13 -4.90 21.11
CA ALA B 173 15.54 -5.74 22.15
C ALA B 173 16.63 -6.34 23.04
N LYS B 174 16.23 -6.67 24.27
CA LYS B 174 17.17 -7.16 25.25
C LYS B 174 16.48 -8.20 26.12
N LYS B 175 17.17 -9.30 26.39
CA LYS B 175 16.69 -10.28 27.35
C LYS B 175 16.70 -9.66 28.74
N TYR B 176 15.57 -9.74 29.45
CA TYR B 176 15.47 -9.16 30.77
C TYR B 176 15.41 -10.20 31.88
N ARG B 177 15.26 -11.48 31.57
CA ARG B 177 15.24 -12.51 32.60
C ARG B 177 15.78 -13.82 32.04
N ASP B 178 16.28 -14.66 32.93
CA ASP B 178 16.74 -15.99 32.55
C ASP B 178 15.57 -16.86 32.15
N ALA B 179 15.74 -17.62 31.06
CA ALA B 179 14.64 -18.41 30.52
C ALA B 179 14.18 -19.48 31.51
N ARG B 180 15.12 -20.08 32.24
CA ARG B 180 14.81 -21.20 33.13
C ARG B 180 14.36 -20.73 34.51
N THR B 181 15.08 -19.78 35.11
CA THR B 181 14.80 -19.36 36.49
C THR B 181 13.96 -18.11 36.59
N HIS B 182 13.83 -17.33 35.51
CA HIS B 182 13.13 -16.05 35.49
C HIS B 182 13.77 -15.01 36.40
N GLN B 183 15.05 -15.20 36.72
CA GLN B 183 15.78 -14.19 37.51
C GLN B 183 16.04 -12.97 36.63
N HIS B 184 15.72 -11.79 37.17
N HIS B 184 15.68 -11.79 37.14
CA HIS B 184 15.72 -10.54 36.43
CA HIS B 184 15.70 -10.58 36.33
C HIS B 184 17.12 -9.96 36.31
C HIS B 184 17.09 -9.96 36.30
N ILE B 185 17.37 -9.25 35.20
CA ILE B 185 18.63 -8.56 35.03
C ILE B 185 18.72 -7.48 36.12
N PRO B 186 19.91 -7.03 36.50
CA PRO B 186 20.00 -6.13 37.65
C PRO B 186 19.56 -4.72 37.31
N TYR B 187 19.09 -4.02 38.34
CA TYR B 187 18.84 -2.59 38.23
C TYR B 187 20.16 -1.87 38.03
N ARG B 188 20.17 -0.93 37.09
CA ARG B 188 21.35 -0.11 36.84
C ARG B 188 20.91 1.28 36.38
N GLU B 189 21.80 2.25 36.55
CA GLU B 189 21.56 3.62 36.13
C GLU B 189 22.66 4.04 35.14
N ASN B 190 22.63 5.31 34.75
CA ASN B 190 23.63 5.87 33.84
C ASN B 190 23.63 5.16 32.50
N LYS B 191 22.47 4.69 32.05
CA LYS B 191 22.34 4.04 30.75
C LYS B 191 22.00 5.08 29.67
N ASN B 192 22.62 4.92 28.51
CA ASN B 192 22.30 5.78 27.38
C ASN B 192 20.90 5.46 26.85
N LEU B 193 20.28 6.45 26.22
CA LEU B 193 18.92 6.31 25.71
C LEU B 193 18.91 5.42 24.48
N THR B 194 18.35 4.22 24.61
CA THR B 194 18.19 3.29 23.49
C THR B 194 16.71 3.25 23.11
N GLY B 195 16.37 3.93 22.03
CA GLY B 195 15.00 4.02 21.58
C GLY B 195 14.75 5.38 20.94
N THR B 196 13.47 5.73 20.83
CA THR B 196 13.05 6.98 20.23
C THR B 196 12.66 7.95 21.34
N ALA B 197 13.30 9.12 21.36
CA ALA B 197 13.12 10.04 22.48
C ALA B 197 11.66 10.41 22.67
N ARG B 198 10.92 10.60 21.58
CA ARG B 198 9.54 11.07 21.68
C ARG B 198 8.70 10.14 22.56
N TYR B 199 8.93 8.84 22.49
CA TYR B 199 8.10 7.87 23.18
C TYR B 199 8.79 7.21 24.37
N ALA B 200 10.01 7.62 24.70
CA ALA B 200 10.75 7.02 25.79
C ALA B 200 10.06 7.26 27.12
N SER B 201 10.16 6.27 28.00
CA SER B 201 9.65 6.40 29.37
C SER B 201 10.44 7.45 30.13
N ILE B 202 9.83 7.94 31.22
CA ILE B 202 10.53 8.87 32.11
C ILE B 202 11.82 8.25 32.60
N ASN B 203 11.75 6.99 33.06
CA ASN B 203 12.94 6.36 33.62
C ASN B 203 14.02 6.16 32.57
N THR B 204 13.63 5.94 31.31
CA THR B 204 14.63 5.85 30.24
C THR B 204 15.36 7.18 30.08
N HIS B 205 14.64 8.30 30.14
CA HIS B 205 15.30 9.61 30.10
C HIS B 205 16.26 9.78 31.26
N LEU B 206 15.90 9.26 32.43
CA LEU B 206 16.74 9.38 33.61
C LEU B 206 17.93 8.43 33.57
N GLY B 207 18.07 7.61 32.54
CA GLY B 207 19.21 6.71 32.41
C GLY B 207 19.07 5.42 33.16
N ILE B 208 17.87 5.04 33.56
CA ILE B 208 17.64 3.80 34.30
C ILE B 208 17.46 2.65 33.30
N GLU B 209 18.05 1.50 33.63
CA GLU B 209 17.88 0.29 32.82
C GLU B 209 16.40 0.06 32.51
N GLN B 210 16.11 -0.18 31.24
CA GLN B 210 14.73 -0.42 30.82
C GLN B 210 14.28 -1.82 31.23
N SER B 211 12.99 -1.94 31.54
CA SER B 211 12.39 -3.21 31.91
C SER B 211 10.99 -3.26 31.31
N ARG B 212 10.19 -4.23 31.76
CA ARG B 212 8.88 -4.45 31.14
C ARG B 212 8.00 -3.19 31.23
N ARG B 213 8.06 -2.49 32.36
CA ARG B 213 7.22 -1.31 32.55
C ARG B 213 7.45 -0.26 31.48
N ASP B 214 8.68 -0.16 30.97
CA ASP B 214 8.99 0.94 30.05
C ASP B 214 8.40 0.71 28.67
N ASP B 215 8.38 -0.54 28.20
CA ASP B 215 7.64 -0.86 26.98
C ASP B 215 6.20 -0.39 27.08
N LEU B 216 5.56 -0.64 28.22
CA LEU B 216 4.15 -0.31 28.36
C LEU B 216 3.94 1.19 28.52
N GLU B 217 4.84 1.88 29.20
CA GLU B 217 4.72 3.34 29.31
C GLU B 217 4.84 3.99 27.94
N SER B 218 5.81 3.55 27.13
CA SER B 218 5.91 4.05 25.77
C SER B 218 4.61 3.84 25.02
N LEU B 219 3.98 2.68 25.17
CA LEU B 219 2.71 2.46 24.52
C LEU B 219 1.67 3.48 24.98
N GLY B 220 1.71 3.82 26.28
CA GLY B 220 0.81 4.85 26.78
C GLY B 220 0.96 6.17 26.04
N TYR B 221 2.20 6.57 25.74
CA TYR B 221 2.41 7.79 24.96
C TYR B 221 1.94 7.63 23.52
N VAL B 222 2.14 6.44 22.94
CA VAL B 222 1.67 6.21 21.57
C VAL B 222 0.17 6.40 21.51
N LEU B 223 -0.56 5.88 22.50
CA LEU B 223 -2.02 5.99 22.47
C LEU B 223 -2.46 7.45 22.57
N MET B 224 -1.84 8.23 23.47
CA MET B 224 -2.20 9.64 23.57
C MET B 224 -1.74 10.42 22.35
N TYR B 225 -0.63 10.00 21.73
CA TYR B 225 -0.23 10.54 20.44
C TYR B 225 -1.34 10.36 19.41
N PHE B 226 -1.90 9.16 19.32
CA PHE B 226 -3.00 8.90 18.40
C PHE B 226 -4.22 9.75 18.75
N ASN B 227 -4.47 9.95 20.04
CA ASN B 227 -5.62 10.75 20.44
C ASN B 227 -5.44 12.22 20.08
N LEU B 228 -4.24 12.76 20.30
CA LEU B 228 -4.01 14.20 20.22
C LEU B 228 -3.55 14.66 18.85
N GLY B 229 -2.93 13.79 18.06
CA GLY B 229 -2.27 14.19 16.83
C GLY B 229 -0.81 14.52 16.99
N SER B 230 -0.36 14.77 18.22
CA SER B 230 1.03 15.07 18.52
C SER B 230 1.18 15.03 20.03
N LEU B 231 2.43 14.99 20.48
CA LEU B 231 2.71 15.06 21.90
C LEU B 231 3.34 16.42 22.23
N PRO B 232 3.14 16.93 23.44
CA PRO B 232 3.57 18.31 23.73
C PRO B 232 5.08 18.50 23.77
N TRP B 233 5.86 17.44 23.88
CA TRP B 233 7.31 17.53 23.79
C TRP B 233 7.82 17.29 22.38
N GLN B 234 6.92 17.16 21.41
CA GLN B 234 7.29 17.04 20.02
C GLN B 234 7.63 18.42 19.44
N GLY B 235 8.53 18.43 18.46
CA GLY B 235 8.86 19.65 17.76
C GLY B 235 9.89 20.53 18.45
N LEU B 236 10.54 20.04 19.50
CA LEU B 236 11.56 20.82 20.18
C LEU B 236 12.89 20.70 19.47
N LYS B 237 13.69 21.76 19.54
CA LYS B 237 14.97 21.81 18.84
C LYS B 237 16.07 22.25 19.79
N ALA B 238 17.30 21.90 19.44
CA ALA B 238 18.47 22.26 20.22
C ALA B 238 19.70 22.13 19.33
N ALA B 239 20.83 22.61 19.86
CA ALA B 239 22.08 22.58 19.10
C ALA B 239 22.49 21.15 18.76
N THR B 240 22.72 20.32 19.77
CA THR B 240 23.14 18.94 19.59
C THR B 240 22.03 17.99 20.04
N LYS B 241 22.16 16.73 19.61
CA LYS B 241 21.15 15.73 19.96
C LYS B 241 20.99 15.61 21.47
N ARG B 242 22.11 15.66 22.21
CA ARG B 242 22.03 15.51 23.66
C ARG B 242 21.16 16.61 24.28
N GLN B 243 21.39 17.86 23.88
CA GLN B 243 20.60 18.96 24.42
C GLN B 243 19.13 18.81 24.03
N LYS B 244 18.85 18.29 22.82
CA LYS B 244 17.47 18.09 22.41
C LYS B 244 16.76 17.08 23.31
N TYR B 245 17.40 15.94 23.58
CA TYR B 245 16.79 14.93 24.44
C TYR B 245 16.53 15.49 25.83
N GLU B 246 17.44 16.34 26.33
CA GLU B 246 17.22 16.96 27.63
C GLU B 246 15.97 17.85 27.62
N ARG B 247 15.77 18.59 26.53
CA ARG B 247 14.57 19.40 26.39
C ARG B 247 13.32 18.52 26.40
N ILE B 248 13.34 17.44 25.63
CA ILE B 248 12.21 16.51 25.62
C ILE B 248 12.00 15.93 27.02
N SER B 249 13.08 15.48 27.66
CA SER B 249 12.99 14.95 29.01
C SER B 249 12.35 15.96 29.96
N GLU B 250 12.85 17.20 29.94
CA GLU B 250 12.36 18.22 30.86
C GLU B 250 10.88 18.49 30.64
N LYS B 251 10.46 18.59 29.37
CA LYS B 251 9.06 18.85 29.08
C LYS B 251 8.19 17.66 29.47
N LYS B 252 8.68 16.44 29.21
CA LYS B 252 7.95 15.24 29.59
C LYS B 252 7.80 15.16 31.11
N MET B 253 8.86 15.50 31.85
CA MET B 253 8.80 15.42 33.30
C MET B 253 7.95 16.52 33.91
N SER B 254 7.79 17.65 33.23
CA SER B 254 7.01 18.78 33.74
C SER B 254 5.59 18.79 33.21
N THR B 255 5.17 17.76 32.49
CA THR B 255 3.80 17.65 32.00
C THR B 255 3.05 16.59 32.80
N PRO B 256 2.21 16.97 33.78
CA PRO B 256 1.49 15.95 34.54
C PRO B 256 0.54 15.14 33.66
N ILE B 257 0.33 13.89 34.05
CA ILE B 257 -0.52 12.98 33.26
C ILE B 257 -1.90 13.57 33.08
N GLU B 258 -2.42 14.26 34.09
N GLU B 258 -2.43 14.23 34.11
CA GLU B 258 -3.77 14.79 34.03
CA GLU B 258 -3.79 14.78 34.00
C GLU B 258 -3.88 15.93 33.02
C GLU B 258 -3.86 15.89 32.96
N VAL B 259 -2.78 16.67 32.81
CA VAL B 259 -2.77 17.70 31.77
C VAL B 259 -2.62 17.05 30.40
N LEU B 260 -1.70 16.09 30.28
CA LEU B 260 -1.51 15.39 29.00
C LEU B 260 -2.81 14.78 28.50
N CYS B 261 -3.59 14.17 29.40
CA CYS B 261 -4.76 13.41 29.03
C CYS B 261 -6.06 14.18 29.18
N LYS B 262 -6.00 15.47 29.47
CA LYS B 262 -7.22 16.24 29.67
C LYS B 262 -8.09 16.19 28.41
N GLY B 263 -9.39 15.98 28.62
CA GLY B 263 -10.34 15.96 27.53
C GLY B 263 -10.56 14.59 26.91
N TYR B 264 -9.92 13.55 27.40
CA TYR B 264 -10.06 12.19 26.90
C TYR B 264 -10.41 11.26 28.04
N PRO B 265 -10.99 10.09 27.74
CA PRO B 265 -11.45 9.20 28.80
C PRO B 265 -10.37 8.93 29.83
N SER B 266 -10.79 8.87 31.10
CA SER B 266 -9.85 8.76 32.21
C SER B 266 -8.99 7.51 32.13
N GLU B 267 -9.42 6.51 31.37
CA GLU B 267 -8.66 5.27 31.26
C GLU B 267 -7.24 5.52 30.77
N PHE B 268 -7.04 6.52 29.91
CA PHE B 268 -5.71 6.77 29.37
C PHE B 268 -4.77 7.28 30.47
N ALA B 269 -5.28 8.15 31.35
CA ALA B 269 -4.49 8.58 32.50
C ALA B 269 -4.27 7.43 33.48
N THR B 270 -5.30 6.64 33.75
CA THR B 270 -5.15 5.50 34.64
C THR B 270 -4.08 4.55 34.10
N TYR B 271 -4.09 4.29 32.79
CA TYR B 271 -3.07 3.43 32.18
C TYR B 271 -1.67 3.98 32.43
N LEU B 272 -1.46 5.26 32.13
CA LEU B 272 -0.11 5.82 32.25
C LEU B 272 0.34 5.87 33.70
N ASN B 273 -0.56 6.24 34.62
CA ASN B 273 -0.19 6.25 36.03
C ASN B 273 0.19 4.86 36.50
N PHE B 274 -0.54 3.83 36.06
CA PHE B 274 -0.19 2.47 36.45
C PHE B 274 1.21 2.11 35.96
N CYS B 275 1.51 2.43 34.70
CA CYS B 275 2.82 2.07 34.15
C CYS B 275 3.94 2.78 34.91
N ARG B 276 3.78 4.07 35.18
CA ARG B 276 4.80 4.80 35.92
C ARG B 276 4.94 4.30 37.36
N SER B 277 3.91 3.66 37.91
CA SER B 277 3.96 3.19 39.29
C SER B 277 4.64 1.83 39.43
N LEU B 278 4.84 1.11 38.33
CA LEU B 278 5.50 -0.18 38.40
C LEU B 278 6.95 -0.01 38.83
N ARG B 279 7.42 -0.91 39.68
CA ARG B 279 8.82 -0.94 40.03
C ARG B 279 9.62 -1.65 38.94
N PHE B 280 10.94 -1.47 38.98
CA PHE B 280 11.83 -2.01 37.95
C PHE B 280 11.54 -3.49 37.67
N ASP B 281 11.39 -4.28 38.72
CA ASP B 281 11.24 -5.73 38.57
C ASP B 281 9.79 -6.19 38.43
N ASP B 282 8.82 -5.30 38.58
CA ASP B 282 7.42 -5.73 38.66
C ASP B 282 6.97 -6.36 37.35
N LYS B 283 6.23 -7.46 37.48
CA LYS B 283 5.51 -8.01 36.34
C LYS B 283 4.24 -7.19 36.10
N PRO B 284 4.07 -6.56 34.94
CA PRO B 284 2.86 -5.76 34.72
C PRO B 284 1.60 -6.61 34.79
N ASP B 285 0.51 -6.00 35.25
CA ASP B 285 -0.81 -6.62 35.23
C ASP B 285 -1.45 -6.33 33.88
N TYR B 286 -1.05 -7.12 32.88
CA TYR B 286 -1.51 -6.89 31.51
C TYR B 286 -3.02 -7.00 31.41
N SER B 287 -3.62 -7.97 32.10
CA SER B 287 -5.06 -8.15 32.05
C SER B 287 -5.79 -6.91 32.54
N TYR B 288 -5.36 -6.37 33.68
CA TYR B 288 -5.97 -5.15 34.19
C TYR B 288 -5.90 -4.03 33.16
N LEU B 289 -4.75 -3.89 32.49
CA LEU B 289 -4.58 -2.80 31.53
C LEU B 289 -5.48 -2.99 30.31
N ARG B 290 -5.52 -4.21 29.77
CA ARG B 290 -6.44 -4.45 28.64
C ARG B 290 -7.88 -4.22 29.07
N GLN B 291 -8.23 -4.59 30.30
CA GLN B 291 -9.62 -4.49 30.74
C GLN B 291 -10.04 -3.05 30.95
N LEU B 292 -9.12 -2.16 31.33
CA LEU B 292 -9.45 -0.73 31.39
C LEU B 292 -10.09 -0.28 30.08
N PHE B 293 -9.42 -0.58 28.97
CA PHE B 293 -9.89 -0.14 27.67
C PHE B 293 -11.07 -0.98 27.17
N ARG B 294 -11.09 -2.28 27.47
CA ARG B 294 -12.22 -3.11 27.07
C ARG B 294 -13.50 -2.63 27.75
N ASN B 295 -13.45 -2.32 29.04
CA ASN B 295 -14.63 -1.81 29.73
C ASN B 295 -15.05 -0.47 29.14
N LEU B 296 -14.08 0.41 28.86
CA LEU B 296 -14.39 1.67 28.18
C LEU B 296 -15.00 1.41 26.82
N PHE B 297 -14.41 0.48 26.07
CA PHE B 297 -14.90 0.16 24.73
C PHE B 297 -16.38 -0.21 24.77
N HIS B 298 -16.77 -1.06 25.71
CA HIS B 298 -18.15 -1.51 25.74
C HIS B 298 -19.10 -0.44 26.27
N ARG B 299 -18.65 0.41 27.20
CA ARG B 299 -19.50 1.49 27.67
C ARG B 299 -19.78 2.48 26.55
N GLN B 300 -18.85 2.62 25.60
CA GLN B 300 -19.03 3.46 24.43
C GLN B 300 -19.94 2.83 23.39
N GLY B 301 -20.35 1.59 23.59
CA GLY B 301 -21.20 0.90 22.65
C GLY B 301 -20.53 0.50 21.37
N PHE B 302 -19.19 0.52 21.33
CA PHE B 302 -18.45 0.03 20.18
C PHE B 302 -18.52 -1.50 20.09
N SER B 303 -18.11 -2.02 18.94
CA SER B 303 -18.06 -3.46 18.72
C SER B 303 -16.70 -3.86 18.17
N TYR B 304 -16.19 -5.01 18.61
CA TYR B 304 -14.90 -5.52 18.16
C TYR B 304 -15.03 -6.21 16.80
N ASP B 305 -15.50 -5.44 15.82
CA ASP B 305 -15.54 -5.87 14.43
C ASP B 305 -14.25 -5.55 13.68
N TYR B 306 -13.28 -4.93 14.35
CA TYR B 306 -11.98 -4.65 13.77
C TYR B 306 -12.09 -3.82 12.49
N VAL B 307 -13.12 -2.97 12.40
CA VAL B 307 -13.20 -1.98 11.34
C VAL B 307 -12.47 -0.74 11.84
N PHE B 308 -11.27 -0.51 11.31
CA PHE B 308 -10.45 0.64 11.63
C PHE B 308 -10.85 1.85 10.78
N ASP B 309 -10.41 3.03 11.22
CA ASP B 309 -10.76 4.27 10.52
C ASP B 309 -10.40 4.18 9.04
N TRP B 310 -9.29 3.53 8.71
CA TRP B 310 -8.82 3.44 7.34
C TRP B 310 -9.56 2.39 6.52
N ASN B 311 -10.54 1.70 7.09
CA ASN B 311 -11.34 0.72 6.35
C ASN B 311 -12.67 1.31 5.91
S SO4 C . -1.28 10.12 -32.97
O1 SO4 C . -2.00 11.35 -33.29
O2 SO4 C . -0.02 10.08 -33.69
O3 SO4 C . -1.01 10.06 -31.54
O4 SO4 C . -2.11 8.97 -33.37
S SO4 D . 6.50 -8.69 -22.27
O1 SO4 D . 5.06 -8.81 -22.47
O2 SO4 D . 7.13 -8.26 -23.52
O3 SO4 D . 6.77 -7.73 -21.22
O4 SO4 D . 7.05 -10.00 -21.89
S SO4 E . -21.02 7.72 -32.17
O1 SO4 E . -22.17 8.47 -32.66
O2 SO4 E . -19.88 8.60 -31.99
O3 SO4 E . -21.36 7.12 -30.88
O4 SO4 E . -20.70 6.65 -33.12
S SO4 F . -4.77 15.77 -39.40
O1 SO4 F . -4.91 15.75 -40.85
O2 SO4 F . -5.82 16.61 -38.83
O3 SO4 F . -3.47 16.32 -39.05
O4 SO4 F . -4.89 14.42 -38.87
S SO4 G . -25.89 -1.44 -18.11
O1 SO4 G . -26.84 -0.76 -17.24
O2 SO4 G . -25.66 -0.64 -19.31
O3 SO4 G . -24.63 -1.65 -17.41
O4 SO4 G . -26.44 -2.75 -18.50
S SO4 H . -13.20 -1.22 -40.76
O1 SO4 H . -14.28 -0.73 -39.89
O2 SO4 H . -12.91 -0.22 -41.78
O3 SO4 H . -12.02 -1.47 -39.96
O4 SO4 H . -13.63 -2.46 -41.39
S SO4 I . -22.69 9.14 -26.28
O1 SO4 I . -23.21 9.29 -27.64
O2 SO4 I . -22.20 10.42 -25.81
O3 SO4 I . -23.76 8.67 -25.41
O4 SO4 I . -21.59 8.17 -26.28
C1 CG5 J . 1.20 1.11 -2.17
C02 CG5 J . 2.65 -0.68 -2.80
C03 CG5 J . 3.64 -0.90 -3.91
C05 CG5 J . 3.20 0.15 -4.89
C07 CG5 J . 2.79 1.36 -4.05
C08 CG5 J . 1.69 2.13 -4.72
C10 CG5 J . 0.69 2.40 -2.63
C11 CG5 J . -0.16 3.30 -1.91
C12 CG5 J . -0.37 4.33 -2.78
C13 CG5 J . 0.29 4.06 -3.95
C14 CG5 J . 0.27 4.93 -5.16
C17 CG5 J . -0.98 6.63 -6.29
C19 CG5 J . -2.39 8.14 -7.18
C20 CG5 J . -1.74 8.13 -8.39
C21 CG5 J . -0.65 7.38 -8.51
C22 CG5 J . -0.27 6.61 -7.44
C23 CG5 J . 0.11 7.34 -9.78
C24 CG5 J . 0.78 6.18 -10.35
C27 CG5 J . 0.34 8.31 -10.75
C28 CG5 J . -0.01 9.74 -10.72
C29 CG5 J . -0.55 10.38 -11.80
C30 CG5 J . -0.78 11.71 -11.77
C31 CG5 J . -0.45 12.43 -10.63
C33 CG5 J . 0.12 11.81 -9.55
C34 CG5 J . 0.36 10.47 -9.61
C35 CG5 J . 0.94 4.77 -9.95
C36 CG5 J . 0.96 3.81 -11.11
C37 CG5 J . 2.20 4.59 -9.18
C38 CG5 J . -0.60 3.19 -0.53
C39 CG5 J . -1.19 2.06 -0.04
C40 CG5 J . -1.57 2.03 1.27
C41 CG5 J . -1.34 3.11 2.08
C43 CG5 J . -1.04 3.83 4.27
C44 CG5 J . -0.71 4.23 1.63
C45 CG5 J . -0.35 4.26 0.29
F32 CG5 J . -0.72 13.69 -10.61
N01 CG5 J . 2.42 0.75 -2.79
N09 CG5 J . 0.90 2.89 -3.80
N16 CG5 J . -0.67 5.88 -5.23
N18 CG5 J . -2.03 7.39 -6.22
N26 CG5 J . 1.09 7.81 -11.72
O04 CG5 J . 4.93 -0.59 -3.46
O06 CG5 J . 4.22 0.42 -5.78
O15 CG5 J . 1.05 4.65 -6.01
O25 CG5 J . 1.29 6.57 -11.47
O42 CG5 J . -1.70 3.03 3.34
H1 CG5 J . 0.45 0.34 -2.35
H11 CG5 J . 1.34 1.16 -1.09
H021 CG5 J . 1.74 -1.24 -3.01
H022 CG5 J . 3.07 -1.01 -1.86
H031 CG5 J . 3.57 -1.91 -4.34
H051 CG5 J . 2.33 -0.23 -5.44
H071 CG5 J . 3.66 2.01 -3.92
H081 CG5 J . 2.14 2.80 -5.44
H082 CG5 J . 1.03 1.46 -5.26
H121 CG5 J . -0.95 5.22 -2.56
H191 CG5 J . -3.29 8.74 -7.06
H201 CG5 J . -2.07 8.76 -9.20
H221 CG5 J . 0.60 5.98 -7.56
H291 CG5 J . -0.80 9.81 -12.69
H301 CG5 J . -1.25 12.20 -12.60
H331 CG5 J . 0.37 12.37 -8.67
H341 CG5 J . 0.81 9.97 -8.77
H351 CG5 J . 0.10 4.49 -9.30
H363 CG5 J . 1.76 4.07 -11.76
H362 CG5 J . 0.04 3.87 -11.64
H361 CG5 J . 1.10 2.83 -10.74
H372 CG5 J . 3.01 4.46 -9.86
H373 CG5 J . 2.13 3.73 -8.57
H371 CG5 J . 2.39 5.44 -8.58
H391 CG5 J . -1.38 1.23 -0.68
H401 CG5 J . -2.05 1.15 1.67
H432 CG5 J . -1.25 3.47 5.25
H431 CG5 J . -1.36 4.83 4.18
H433 CG5 J . 0.01 3.78 4.11
H441 CG5 J . -0.52 5.10 2.25
H451 CG5 J . 0.13 5.15 -0.10
H161 CG5 J . -1.27 6.02 -4.43
H041 CG5 J . 5.22 -1.27 -2.83
H061 CG5 J . 3.94 1.12 -6.40
S SO4 K . 10.45 15.00 17.63
O1 SO4 K . 9.86 16.30 17.36
O2 SO4 K . 10.50 14.23 16.39
O3 SO4 K . 9.62 14.29 18.60
O4 SO4 K . 11.79 15.18 18.16
S SO4 L . 22.44 -2.34 26.52
O1 SO4 L . 21.87 -2.33 25.17
O2 SO4 L . 23.55 -1.39 26.57
O3 SO4 L . 21.42 -1.96 27.50
O4 SO4 L . 22.92 -3.69 26.82
S SO4 M . 5.16 -15.47 32.44
O1 SO4 M . 3.74 -15.68 32.69
O2 SO4 M . 5.33 -14.36 31.51
O3 SO4 M . 5.82 -15.15 33.71
O4 SO4 M . 5.74 -16.68 31.87
S SO4 N . 8.40 -12.49 36.70
O1 SO4 N . 7.17 -12.41 35.94
O2 SO4 N . 9.53 -12.59 35.78
O3 SO4 N . 8.54 -11.28 37.53
O4 SO4 N . 8.38 -13.66 37.57
S SO4 O . -7.52 -10.43 29.48
O1 SO4 O . -8.17 -9.54 30.43
O2 SO4 O . -7.16 -9.68 28.28
O3 SO4 O . -8.43 -11.51 29.12
O4 SO4 O . -6.32 -11.00 30.08
S SO4 P . -15.02 -8.47 28.03
O1 SO4 P . -16.40 -8.18 27.65
O2 SO4 P . -14.24 -8.81 26.85
O3 SO4 P . -14.99 -9.58 28.98
O4 SO4 P . -14.44 -7.29 28.67
S SO4 Q . -11.50 -9.17 21.84
O1 SO4 Q . -10.92 -8.20 22.77
O2 SO4 Q . -11.26 -8.71 20.46
O3 SO4 Q . -12.94 -9.28 22.07
O4 SO4 Q . -10.86 -10.47 22.04
S SO4 R . -19.65 1.31 16.22
O1 SO4 R . -19.89 1.33 14.78
O2 SO4 R . -18.98 2.55 16.61
O3 SO4 R . -20.92 1.20 16.93
O4 SO4 R . -18.80 0.17 16.55
C1 CG5 S . 2.75 0.44 1.46
C02 CG5 S . 3.06 2.83 2.12
C03 CG5 S . 4.28 3.69 2.25
C05 CG5 S . 5.32 2.74 2.78
C07 CG5 S . 4.96 1.39 2.22
C08 CG5 S . 5.02 0.30 3.26
C10 CG5 S . 3.40 -0.82 1.95
C11 CG5 S . 3.01 -2.19 1.65
C12 CG5 S . 3.89 -2.93 2.32
C13 CG5 S . 4.75 -2.10 2.99
C14 CG5 S . 5.83 -2.54 3.89
C17 CG5 S . 6.70 -4.39 5.10
C19 CG5 S . 7.13 -6.27 6.25
C20 CG5 S . 8.21 -5.69 6.87
C21 CG5 S . 8.56 -4.41 6.59
C22 CG5 S . 7.75 -3.76 5.69
C23 CG5 S . 9.69 -3.74 7.29
C24 CG5 S . 9.72 -2.35 7.66
C27 CG5 S . 10.89 -4.17 7.80
C28 CG5 S . 11.49 -5.49 7.70
C29 CG5 S . 12.14 -6.06 8.73
C30 CG5 S . 12.68 -7.28 8.55
C31 CG5 S . 12.61 -7.93 7.35
C33 CG5 S . 12.00 -7.33 6.30
C34 CG5 S . 11.46 -6.11 6.48
C35 CG5 S . 8.81 -1.24 7.47
C36 CG5 S . 9.15 -0.44 6.27
C37 CG5 S . 8.80 -0.36 8.69
C38 CG5 S . 1.93 -2.62 0.74
C39 CG5 S . 0.66 -2.08 0.74
C40 CG5 S . -0.27 -2.51 -0.16
C41 CG5 S . 0.10 -3.43 -1.12
C43 CG5 S . -0.36 -4.58 -3.13
C44 CG5 S . 1.38 -3.94 -1.15
C45 CG5 S . 2.28 -3.53 -0.22
F32 CG5 S . 13.15 -9.07 7.22
N01 CG5 S . 3.62 1.57 1.70
N09 CG5 S . 4.40 -0.87 2.74
N16 CG5 S . 5.88 -3.80 4.24
N18 CG5 S . 6.43 -5.63 5.41
N26 CG5 S . 11.55 -3.18 8.40
O04 CG5 S . 4.67 4.15 0.98
O06 CG5 S . 6.62 3.11 2.38
O15 CG5 S . 6.59 -1.78 4.27
O25 CG5 S . 10.85 -2.12 8.29
O42 CG5 S . -0.79 -3.84 -2.03
H1 CG5 S . 1.79 0.59 1.97
H11 CG5 S . 2.55 0.34 0.39
H021 CG5 S . 2.54 2.73 3.06
H022 CG5 S . 2.38 3.22 1.35
H031 CG5 S . 4.11 4.51 2.96
H051 CG5 S . 5.26 2.72 3.89
H071 CG5 S . 5.65 1.14 1.39
H081 CG5 S . 6.07 0.14 3.50
H082 CG5 S . 4.50 0.62 4.16
H121 CG5 S . 3.92 -4.01 2.31
H191 CG5 S . 6.89 -7.30 6.46
H201 CG5 S . 8.80 -6.27 7.58
H221 CG5 S . 7.98 -2.74 5.47
H291 CG5 S . 12.18 -5.58 9.70
H301 CG5 S . 13.17 -7.76 9.38
H331 CG5 S . 11.94 -7.82 5.34
H341 CG5 S . 10.95 -5.62 5.66
H351 CG5 S . 7.78 -1.63 7.33
H363 CG5 S . 10.01 0.15 6.47
H362 CG5 S . 9.36 -1.08 5.45
H361 CG5 S . 8.34 0.20 6.02
H372 CG5 S . 8.14 0.45 8.53
H373 CG5 S . 8.46 -0.93 9.52
H371 CG5 S . 9.77 0.00 8.87
H391 CG5 S . 0.39 -1.36 1.50
H401 CG5 S . -1.27 -2.10 -0.15
H432 CG5 S . 0.44 -4.08 -3.62
H431 CG5 S . -1.16 -4.71 -3.80
H433 CG5 S . -0.04 -5.54 -2.81
H441 CG5 S . 1.71 -4.68 -1.88
H451 CG5 S . 3.29 -3.92 -0.24
H161 CG5 S . 5.17 -4.41 3.88
H041 CG5 S . 5.43 4.75 1.07
H061 CG5 S . 6.96 3.78 2.97
#